data_5N7Q
#
_entry.id   5N7Q
#
_cell.length_a   61.140
_cell.length_b   82.820
_cell.length_c   61.390
_cell.angle_alpha   90.00
_cell.angle_beta   91.13
_cell.angle_gamma   90.00
#
_symmetry.space_group_name_H-M   'P 1 21 1'
#
loop_
_entity.id
_entity.type
_entity.pdbx_description
1 polymer 'Putative cathepsin d'
2 polymer 'PEPSTATIN A'
3 non-polymer DI(HYDROXYETHYL)ETHER
4 non-polymer GLYCEROL
5 water water
#
loop_
_entity_poly.entity_id
_entity_poly.type
_entity_poly.pdbx_seq_one_letter_code
_entity_poly.pdbx_strand_id
1 'polypeptide(L)'
;IHEGPYPEPLVNLLDVVYYGPISIGTPPQDFQVIFDTGSANLWLPSSKCTTKYCLHHHRYDSSKSSTYEADGRNFTIVYG
SGNVEGFISKDVCRIGSAKVSGQPLGEALVVGGESLLEAPFDGILGLAYPSIAVDGVVPVFDNMMKQGLLGEQNVFSVYL
NRDPSSKEGGEVLFGGIDHDHYKGSITYVPVTAKGYWQFHVDGVKSVSASKSAPELLCKDGCEAIADTGTSLITGPPEEV
DSLNQYLGGTKTEGGQYLLDCDKLESLPNVTFTISGKEFSLRSKDYVLKVNQQGQTLCVSGFMGLEMPQPLWILGDVFLG
PYYTIFDRDQDRVGFAEVA
;
A,B
2 'polypeptide(L)' (IVA)VV(STA)A(STA) I,J
#
loop_
_chem_comp.id
_chem_comp.type
_chem_comp.name
_chem_comp.formula
GOL non-polymer GLYCEROL 'C3 H8 O3'
IVA non-polymer 'ISOVALERIC ACID' 'C5 H10 O2'
PEG non-polymer DI(HYDROXYETHYL)ETHER 'C4 H10 O3'
STA peptide-like STATINE 'C8 H17 N O3'
#
# COMPACT_ATOMS: atom_id res chain seq x y z
N GLU A 3 7.40 29.39 -24.17
N GLU A 3 6.23 28.08 -26.29
CA GLU A 3 6.09 28.72 -23.93
CA GLU A 3 7.28 27.09 -26.65
C GLU A 3 6.24 27.35 -23.27
C GLU A 3 7.21 25.86 -25.75
N GLY A 4 6.71 26.34 -24.02
N GLY A 4 6.90 26.07 -24.46
CA GLY A 4 6.80 24.95 -23.48
C GLY A 4 5.40 24.31 -23.41
N PRO A 5 5.15 23.37 -22.51
CA PRO A 5 6.10 22.81 -21.53
C PRO A 5 7.06 21.81 -22.19
N TYR A 6 8.05 21.38 -21.43
CA TYR A 6 9.12 20.51 -21.96
C TYR A 6 9.17 19.23 -21.14
N PRO A 7 8.63 18.11 -21.68
CA PRO A 7 8.68 16.84 -20.95
C PRO A 7 10.04 16.19 -21.05
N GLU A 8 10.65 15.90 -19.92
CA GLU A 8 11.93 15.25 -19.88
C GLU A 8 11.74 13.80 -19.39
N PRO A 9 11.91 12.83 -20.29
CA PRO A 9 11.70 11.44 -19.90
C PRO A 9 12.85 10.88 -19.09
N LEU A 10 12.53 10.12 -18.04
CA LEU A 10 13.52 9.48 -17.16
C LEU A 10 13.58 7.97 -17.30
N VAL A 11 14.77 7.43 -17.09
CA VAL A 11 15.01 6.01 -16.88
C VAL A 11 15.12 5.76 -15.37
N ASN A 12 14.53 4.67 -14.92
CA ASN A 12 14.54 4.20 -13.55
C ASN A 12 15.46 3.00 -13.44
N LEU A 13 16.58 3.17 -12.76
CA LEU A 13 17.48 2.05 -12.45
C LEU A 13 17.19 1.57 -11.02
N LEU A 14 16.56 0.39 -10.91
CA LEU A 14 16.40 -0.38 -9.67
C LEU A 14 15.65 0.40 -8.59
N ASP A 15 14.85 1.40 -8.98
CA ASP A 15 14.16 2.28 -8.01
C ASP A 15 15.13 3.10 -7.15
N VAL A 16 16.42 3.13 -7.50
CA VAL A 16 17.40 3.88 -6.67
CA VAL A 16 17.46 3.81 -6.69
C VAL A 16 17.85 5.19 -7.28
N VAL A 17 17.96 5.25 -8.61
CA VAL A 17 18.27 6.50 -9.28
C VAL A 17 17.46 6.64 -10.56
N TYR A 18 17.17 7.89 -10.91
CA TYR A 18 16.44 8.25 -12.11
C TYR A 18 17.30 9.26 -12.87
N TYR A 19 17.36 9.12 -14.17
CA TYR A 19 18.18 10.01 -14.99
C TYR A 19 17.64 10.16 -16.38
N GLY A 20 17.97 11.28 -17.00
CA GLY A 20 17.43 11.59 -18.32
C GLY A 20 18.43 12.29 -19.23
N PRO A 21 18.13 12.34 -20.51
CA PRO A 21 19.02 12.94 -21.47
C PRO A 21 19.04 14.47 -21.51
N ILE A 22 20.23 15.01 -21.74
CA ILE A 22 20.41 16.43 -22.06
C ILE A 22 21.46 16.50 -23.14
N SER A 23 21.55 17.66 -23.77
CA SER A 23 22.73 17.94 -24.58
C SER A 23 23.34 19.27 -24.23
N ILE A 24 24.63 19.37 -24.52
CA ILE A 24 25.40 20.59 -24.31
C ILE A 24 26.10 20.91 -25.63
N GLY A 25 26.13 22.18 -26.00
CA GLY A 25 27.07 22.66 -27.03
C GLY A 25 26.50 22.59 -28.42
N THR A 26 27.30 23.08 -29.36
CA THR A 26 26.91 23.23 -30.76
C THR A 26 28.06 22.68 -31.63
N PRO A 27 27.87 21.56 -32.33
CA PRO A 27 26.66 20.76 -32.33
C PRO A 27 26.45 20.04 -30.98
N PRO A 28 25.26 19.44 -30.79
CA PRO A 28 24.95 18.84 -29.49
C PRO A 28 25.86 17.69 -29.09
N GLN A 29 26.33 17.72 -27.84
CA GLN A 29 26.99 16.61 -27.20
C GLN A 29 26.03 16.04 -26.17
N ASP A 30 25.80 14.74 -26.23
CA ASP A 30 24.72 14.10 -25.46
C ASP A 30 25.22 13.48 -24.13
N PHE A 31 24.39 13.63 -23.09
CA PHE A 31 24.66 13.10 -21.74
C PHE A 31 23.41 12.59 -21.10
N GLN A 32 23.62 11.85 -20.02
CA GLN A 32 22.55 11.46 -19.09
C GLN A 32 22.83 12.08 -17.77
N VAL A 33 21.83 12.66 -17.13
CA VAL A 33 22.02 13.31 -15.82
C VAL A 33 20.89 12.96 -14.87
N ILE A 34 21.20 12.93 -13.59
CA ILE A 34 20.17 12.86 -12.57
CA ILE A 34 20.18 12.89 -12.53
C ILE A 34 19.64 14.28 -12.35
N PHE A 35 18.31 14.40 -12.36
CA PHE A 35 17.63 15.65 -12.07
C PHE A 35 17.38 15.71 -10.58
N ASP A 36 18.09 16.63 -9.90
CA ASP A 36 18.29 16.57 -8.46
C ASP A 36 17.75 17.84 -7.78
N THR A 37 16.56 17.74 -7.18
CA THR A 37 16.01 18.89 -6.45
C THR A 37 16.74 19.22 -5.14
N GLY A 38 17.71 18.40 -4.75
CA GLY A 38 18.57 18.64 -3.59
C GLY A 38 19.89 19.32 -3.82
N SER A 39 20.12 19.83 -5.02
CA SER A 39 21.33 20.58 -5.33
C SER A 39 21.01 21.54 -6.47
N ALA A 40 21.92 22.50 -6.73
CA ALA A 40 21.63 23.60 -7.66
C ALA A 40 22.59 23.69 -8.86
N ASN A 41 23.59 22.82 -8.92
CA ASN A 41 24.64 22.91 -9.96
C ASN A 41 24.45 21.85 -11.05
N LEU A 42 24.84 22.21 -12.27
CA LEU A 42 24.99 21.26 -13.37
C LEU A 42 26.46 20.93 -13.53
N TRP A 43 26.79 19.64 -13.63
CA TRP A 43 28.16 19.26 -13.99
C TRP A 43 28.17 17.98 -14.80
N LEU A 44 29.23 17.83 -15.59
CA LEU A 44 29.48 16.70 -16.49
C LEU A 44 30.96 16.39 -16.47
N PRO A 45 31.34 15.13 -16.83
CA PRO A 45 32.78 14.83 -16.92
C PRO A 45 33.45 15.61 -18.04
N SER A 46 34.66 16.10 -17.80
CA SER A 46 35.40 16.89 -18.80
C SER A 46 36.20 16.00 -19.77
N SER A 47 36.32 16.41 -21.03
CA SER A 47 37.28 15.79 -21.94
C SER A 47 38.73 16.00 -21.49
N LYS A 48 38.97 16.97 -20.61
CA LYS A 48 40.31 17.19 -20.03
C LYS A 48 40.66 16.14 -18.96
N CYS A 49 39.71 15.25 -18.65
CA CYS A 49 39.86 14.22 -17.61
C CYS A 49 40.04 12.88 -18.30
N THR A 50 41.06 12.12 -17.90
CA THR A 50 41.35 10.80 -18.50
C THR A 50 41.40 9.69 -17.46
N THR A 51 40.74 9.89 -16.32
CA THR A 51 40.62 8.85 -15.29
C THR A 51 39.73 7.72 -15.81
N LYS A 52 39.78 6.59 -15.11
CA LYS A 52 38.90 5.45 -15.41
C LYS A 52 37.43 5.92 -15.46
N TYR A 53 37.06 6.74 -14.47
CA TYR A 53 35.70 7.27 -14.40
C TYR A 53 35.35 8.03 -15.68
N CYS A 54 36.21 8.95 -16.06
CA CYS A 54 35.90 9.81 -17.21
C CYS A 54 35.89 9.01 -18.52
N LEU A 55 36.78 8.04 -18.65
CA LEU A 55 36.85 7.27 -19.88
C LEU A 55 35.69 6.32 -20.08
N HIS A 56 34.94 6.05 -19.00
CA HIS A 56 33.74 5.21 -19.09
C HIS A 56 32.45 5.99 -18.92
N HIS A 57 32.50 7.30 -19.13
CA HIS A 57 31.30 8.14 -19.15
C HIS A 57 31.38 9.05 -20.35
N HIS A 58 30.25 9.70 -20.70
CA HIS A 58 30.29 10.72 -21.73
C HIS A 58 30.95 11.98 -21.23
N ARG A 59 31.85 12.54 -22.04
CA ARG A 59 32.64 13.71 -21.68
C ARG A 59 32.28 14.93 -22.53
N TYR A 60 32.35 16.08 -21.91
CA TYR A 60 32.11 17.36 -22.60
C TYR A 60 33.44 17.86 -23.15
N ASP A 61 33.47 18.13 -24.47
CA ASP A 61 34.67 18.68 -25.12
C ASP A 61 34.35 20.11 -25.62
N SER A 62 34.76 21.09 -24.84
CA SER A 62 34.55 22.50 -25.20
C SER A 62 35.10 22.86 -26.58
N SER A 63 36.18 22.19 -26.98
CA SER A 63 36.87 22.56 -28.20
C SER A 63 36.11 22.20 -29.46
N LYS A 64 35.06 21.40 -29.33
CA LYS A 64 34.21 20.99 -30.45
C LYS A 64 32.90 21.77 -30.46
N SER A 65 32.71 22.68 -29.51
CA SER A 65 31.50 23.48 -29.43
C SER A 65 31.74 24.94 -29.81
N SER A 66 31.02 25.42 -30.82
CA SER A 66 31.14 26.80 -31.27
C SER A 66 30.43 27.81 -30.37
N THR A 67 29.62 27.34 -29.43
CA THR A 67 28.94 28.18 -28.46
C THR A 67 29.56 28.17 -27.06
N TYR A 68 30.62 27.36 -26.87
CA TYR A 68 31.37 27.35 -25.63
C TYR A 68 31.97 28.70 -25.28
N GLU A 69 31.87 29.08 -24.01
CA GLU A 69 32.56 30.22 -23.47
C GLU A 69 33.29 29.79 -22.22
N ALA A 70 34.56 30.17 -22.13
CA ALA A 70 35.38 29.86 -20.98
C ALA A 70 34.93 30.61 -19.73
N ASP A 71 35.19 30.03 -18.58
CA ASP A 71 35.07 30.70 -17.30
C ASP A 71 36.32 30.34 -16.51
N GLY A 72 36.43 29.09 -16.10
CA GLY A 72 37.65 28.62 -15.47
C GLY A 72 37.73 28.71 -13.97
N ARG A 73 36.71 29.24 -13.30
CA ARG A 73 36.73 29.19 -11.84
C ARG A 73 36.71 27.76 -11.36
N ASN A 74 37.47 27.46 -10.33
CA ASN A 74 37.38 26.18 -9.65
C ASN A 74 35.99 26.01 -9.02
N PHE A 75 35.52 24.78 -9.00
CA PHE A 75 34.30 24.46 -8.24
C PHE A 75 34.49 23.13 -7.50
N THR A 76 33.84 23.03 -6.34
CA THR A 76 33.85 21.79 -5.57
CA THR A 76 33.89 21.85 -5.47
C THR A 76 32.48 21.65 -4.94
N ILE A 77 31.94 20.44 -5.03
CA ILE A 77 30.63 20.16 -4.44
C ILE A 77 30.70 18.89 -3.65
N VAL A 78 30.07 18.91 -2.48
CA VAL A 78 29.99 17.77 -1.60
C VAL A 78 28.53 17.32 -1.53
N TYR A 79 28.30 16.05 -1.83
CA TYR A 79 26.99 15.44 -1.70
C TYR A 79 26.98 14.39 -0.59
N GLY A 80 25.79 13.96 -0.20
CA GLY A 80 25.71 12.85 0.74
C GLY A 80 26.42 11.62 0.25
N SER A 81 26.39 11.36 -1.06
CA SER A 81 26.92 10.11 -1.65
C SER A 81 28.11 10.27 -2.57
N GLY A 82 28.73 11.44 -2.57
CA GLY A 82 29.90 11.62 -3.39
C GLY A 82 30.40 13.05 -3.41
N ASN A 83 31.38 13.31 -4.27
N ASN A 83 31.44 13.29 -4.21
CA ASN A 83 31.86 14.65 -4.46
CA ASN A 83 32.10 14.59 -4.30
C ASN A 83 32.46 14.85 -5.81
C ASN A 83 32.51 14.85 -5.75
N VAL A 84 32.58 16.13 -6.15
CA VAL A 84 33.05 16.53 -7.49
C VAL A 84 33.86 17.81 -7.39
N GLU A 85 34.89 17.89 -8.23
CA GLU A 85 35.64 19.12 -8.37
C GLU A 85 36.13 19.27 -9.80
N GLY A 86 36.22 20.51 -10.25
CA GLY A 86 36.74 20.80 -11.58
C GLY A 86 36.71 22.29 -11.81
N PHE A 87 36.37 22.72 -13.02
CA PHE A 87 36.27 24.14 -13.36
C PHE A 87 35.00 24.44 -14.12
N ILE A 88 34.57 25.70 -14.04
CA ILE A 88 33.33 26.13 -14.68
C ILE A 88 33.55 26.49 -16.16
N SER A 89 32.57 26.13 -17.00
CA SER A 89 32.48 26.61 -18.39
C SER A 89 31.03 27.01 -18.63
N LYS A 90 30.75 27.56 -19.82
CA LYS A 90 29.39 27.98 -20.16
C LYS A 90 29.08 27.55 -21.58
N ASP A 91 27.87 27.07 -21.83
CA ASP A 91 27.49 26.63 -23.16
C ASP A 91 25.96 26.54 -23.22
N VAL A 92 25.45 26.27 -24.41
CA VAL A 92 24.04 25.96 -24.62
CA VAL A 92 24.03 26.00 -24.55
C VAL A 92 23.71 24.62 -23.96
N CYS A 93 22.57 24.55 -23.24
CA CYS A 93 22.07 23.31 -22.62
C CYS A 93 20.66 23.05 -23.16
N ARG A 94 20.42 21.86 -23.66
CA ARG A 94 19.12 21.49 -24.21
C ARG A 94 18.45 20.41 -23.40
N ILE A 95 17.17 20.66 -23.12
CA ILE A 95 16.25 19.72 -22.49
C ILE A 95 15.02 19.65 -23.38
N GLY A 96 14.80 18.50 -24.01
CA GLY A 96 13.77 18.39 -25.04
C GLY A 96 13.98 19.48 -26.09
N SER A 97 12.94 20.23 -26.40
CA SER A 97 13.02 21.31 -27.38
C SER A 97 13.42 22.66 -26.76
N ALA A 98 13.72 22.67 -25.46
CA ALA A 98 14.18 23.90 -24.81
C ALA A 98 15.66 24.09 -25.10
N LYS A 99 16.01 25.29 -25.54
CA LYS A 99 17.41 25.68 -25.79
C LYS A 99 17.77 26.76 -24.79
N VAL A 100 18.57 26.37 -23.82
CA VAL A 100 18.91 27.24 -22.69
C VAL A 100 20.29 27.79 -22.98
N SER A 101 20.31 29.03 -23.48
CA SER A 101 21.57 29.71 -23.79
CA SER A 101 21.59 29.63 -23.80
C SER A 101 22.41 30.09 -22.55
N GLY A 102 23.73 30.13 -22.74
CA GLY A 102 24.62 30.69 -21.73
C GLY A 102 24.51 30.01 -20.37
N GLN A 103 24.51 28.67 -20.38
CA GLN A 103 24.31 27.90 -19.16
C GLN A 103 25.66 27.49 -18.53
N PRO A 104 25.95 28.00 -17.32
CA PRO A 104 27.16 27.53 -16.68
C PRO A 104 27.06 26.06 -16.28
N LEU A 105 28.14 25.35 -16.50
CA LEU A 105 28.28 23.96 -16.08
C LEU A 105 29.66 23.73 -15.51
N GLY A 106 29.74 22.76 -14.61
CA GLY A 106 31.03 22.30 -14.11
C GLY A 106 31.61 21.22 -15.02
N GLU A 107 32.88 21.39 -15.39
CA GLU A 107 33.64 20.35 -16.07
C GLU A 107 34.38 19.59 -14.99
N ALA A 108 33.93 18.38 -14.72
CA ALA A 108 34.48 17.57 -13.62
C ALA A 108 35.81 16.93 -14.00
N LEU A 109 36.79 17.11 -13.13
CA LEU A 109 38.10 16.45 -13.21
C LEU A 109 38.30 15.37 -12.17
N VAL A 110 37.76 15.56 -10.96
CA VAL A 110 37.93 14.60 -9.88
C VAL A 110 36.55 14.31 -9.29
N VAL A 111 36.24 13.01 -9.19
CA VAL A 111 34.95 12.56 -8.70
C VAL A 111 35.25 11.51 -7.64
N GLY A 112 34.48 11.56 -6.55
CA GLY A 112 34.54 10.53 -5.56
C GLY A 112 33.16 10.01 -5.18
N GLY A 113 33.15 8.78 -4.66
CA GLY A 113 31.93 8.15 -4.20
C GLY A 113 31.48 7.13 -5.23
N GLU A 114 31.35 5.87 -4.81
CA GLU A 114 30.90 4.79 -5.70
C GLU A 114 29.57 5.10 -6.40
N SER A 115 28.68 5.80 -5.71
CA SER A 115 27.36 6.13 -6.26
C SER A 115 27.48 6.98 -7.51
N LEU A 116 28.55 7.77 -7.60
CA LEU A 116 28.82 8.58 -8.79
C LEU A 116 29.74 7.83 -9.77
N LEU A 117 30.78 7.19 -9.22
CA LEU A 117 31.82 6.60 -10.06
C LEU A 117 31.32 5.47 -10.95
N GLU A 118 30.34 4.71 -10.44
CA GLU A 118 29.80 3.60 -11.19
C GLU A 118 28.39 3.85 -11.70
N ALA A 119 27.98 5.11 -11.71
CA ALA A 119 26.62 5.49 -12.11
C ALA A 119 26.41 5.32 -13.62
N PRO A 120 25.14 5.08 -14.01
CA PRO A 120 24.75 5.02 -15.41
C PRO A 120 24.63 6.42 -16.02
N PHE A 121 24.57 7.41 -15.16
CA PHE A 121 24.51 8.81 -15.59
C PHE A 121 25.91 9.42 -15.56
N ASP A 122 26.05 10.49 -16.32
CA ASP A 122 27.32 11.22 -16.45
C ASP A 122 27.47 12.33 -15.46
N GLY A 123 26.38 12.88 -14.98
CA GLY A 123 26.47 14.01 -14.06
C GLY A 123 25.14 14.32 -13.44
N ILE A 124 25.09 15.50 -12.83
CA ILE A 124 23.93 15.90 -12.03
C ILE A 124 23.46 17.26 -12.53
N LEU A 125 22.14 17.42 -12.62
CA LEU A 125 21.53 18.69 -13.00
C LEU A 125 20.66 19.11 -11.83
N GLY A 126 21.17 20.08 -11.07
CA GLY A 126 20.47 20.52 -9.87
C GLY A 126 19.28 21.42 -10.17
N LEU A 127 18.20 21.21 -9.41
CA LEU A 127 16.92 21.89 -9.53
C LEU A 127 16.49 22.59 -8.24
N ALA A 128 17.44 22.77 -7.32
CA ALA A 128 17.21 23.49 -6.07
C ALA A 128 17.30 24.99 -6.31
N TYR A 129 17.08 25.77 -5.27
CA TYR A 129 17.14 27.23 -5.38
C TYR A 129 18.57 27.71 -5.65
N PRO A 130 18.70 28.86 -6.29
CA PRO A 130 20.04 29.33 -6.65
C PRO A 130 20.85 29.79 -5.45
N SER A 131 20.21 30.08 -4.33
CA SER A 131 20.90 30.46 -3.11
C SER A 131 21.96 29.43 -2.71
N ILE A 132 21.79 28.15 -3.05
CA ILE A 132 22.78 27.11 -2.66
C ILE A 132 23.69 26.66 -3.81
N ALA A 133 23.62 27.33 -4.96
CA ALA A 133 24.52 26.99 -6.07
C ALA A 133 25.96 27.32 -5.72
N VAL A 134 26.83 26.31 -5.84
CA VAL A 134 28.27 26.49 -5.67
C VAL A 134 28.75 27.45 -6.74
N ASP A 135 29.59 28.39 -6.31
CA ASP A 135 30.09 29.49 -7.13
C ASP A 135 29.03 30.50 -7.61
N GLY A 136 27.80 30.41 -7.10
CA GLY A 136 26.75 31.36 -7.46
C GLY A 136 26.31 31.32 -8.91
N VAL A 137 26.63 30.23 -9.59
CA VAL A 137 26.29 30.10 -11.00
C VAL A 137 24.81 29.81 -11.16
N VAL A 138 24.23 30.40 -12.19
CA VAL A 138 22.77 30.31 -12.42
C VAL A 138 22.33 28.87 -12.71
N PRO A 139 21.37 28.34 -11.93
CA PRO A 139 20.88 27.00 -12.25
C PRO A 139 20.06 26.94 -13.53
N VAL A 140 19.99 25.75 -14.09
CA VAL A 140 19.29 25.52 -15.34
C VAL A 140 17.87 26.05 -15.31
N PHE A 141 17.10 25.74 -14.26
CA PHE A 141 15.70 26.16 -14.26
C PHE A 141 15.61 27.66 -14.15
N ASP A 142 16.48 28.25 -13.32
CA ASP A 142 16.52 29.69 -13.23
C ASP A 142 16.83 30.38 -14.54
N ASN A 143 17.75 29.79 -15.30
CA ASN A 143 18.10 30.30 -16.63
C ASN A 143 16.93 30.15 -17.62
N MET A 144 16.20 29.04 -17.56
CA MET A 144 14.95 28.87 -18.31
C MET A 144 13.97 29.98 -17.98
N MET A 145 13.77 30.26 -16.69
N MET A 145 13.77 30.23 -16.68
CA MET A 145 12.86 31.33 -16.29
CA MET A 145 12.89 31.32 -16.20
C MET A 145 13.31 32.70 -16.80
C MET A 145 13.31 32.68 -16.75
N LYS A 146 14.60 32.98 -16.65
CA LYS A 146 15.16 34.26 -17.15
C LYS A 146 14.92 34.45 -18.65
N GLN A 147 15.03 33.35 -19.40
CA GLN A 147 14.83 33.38 -20.85
C GLN A 147 13.35 33.25 -21.27
N GLY A 148 12.45 33.21 -20.29
CA GLY A 148 11.02 33.15 -20.51
C GLY A 148 10.52 31.88 -21.13
N LEU A 149 11.28 30.80 -21.01
CA LEU A 149 10.96 29.57 -21.74
C LEU A 149 9.75 28.82 -21.20
N LEU A 150 9.33 29.13 -19.98
CA LEU A 150 8.13 28.52 -19.38
C LEU A 150 6.90 29.41 -19.50
N GLY A 151 6.99 30.50 -20.23
CA GLY A 151 5.86 31.41 -20.28
C GLY A 151 5.60 31.95 -18.91
N GLU A 152 4.34 31.85 -18.46
CA GLU A 152 3.91 32.30 -17.14
C GLU A 152 3.74 31.18 -16.10
N GLN A 153 4.21 29.98 -16.43
CA GLN A 153 4.02 28.81 -15.56
C GLN A 153 5.40 28.31 -15.12
N ASN A 154 5.97 28.99 -14.13
CA ASN A 154 7.33 28.72 -13.67
C ASN A 154 7.33 27.66 -12.57
N VAL A 155 6.92 26.46 -12.98
CA VAL A 155 6.90 25.28 -12.14
C VAL A 155 7.49 24.13 -12.92
N PHE A 156 7.94 23.10 -12.19
CA PHE A 156 8.22 21.81 -12.82
C PHE A 156 7.63 20.73 -11.93
N SER A 157 7.17 19.68 -12.58
CA SER A 157 6.46 18.61 -11.89
C SER A 157 7.08 17.24 -12.18
N VAL A 158 7.24 16.42 -11.13
CA VAL A 158 8.01 15.19 -11.23
C VAL A 158 7.16 13.94 -10.94
N TYR A 159 7.14 13.05 -11.92
CA TYR A 159 6.60 11.72 -11.83
C TYR A 159 7.75 10.72 -11.77
N LEU A 160 7.75 9.84 -10.76
CA LEU A 160 8.70 8.73 -10.65
C LEU A 160 7.93 7.43 -10.60
N ASN A 161 8.19 6.55 -11.56
CA ASN A 161 7.62 5.23 -11.56
C ASN A 161 8.37 4.38 -10.56
N ARG A 162 7.64 3.75 -9.65
CA ARG A 162 8.24 2.88 -8.63
C ARG A 162 8.27 1.39 -8.97
N ASP A 163 7.88 1.08 -10.21
CA ASP A 163 8.03 -0.27 -10.77
C ASP A 163 9.12 -0.27 -11.82
N PRO A 164 10.33 -0.74 -11.46
CA PRO A 164 11.44 -0.72 -12.45
C PRO A 164 11.22 -1.62 -13.65
N SER A 165 10.24 -2.53 -13.57
CA SER A 165 9.92 -3.41 -14.71
C SER A 165 9.05 -2.72 -15.74
N SER A 166 8.50 -1.57 -15.37
CA SER A 166 7.67 -0.79 -16.26
C SER A 166 8.56 0.02 -17.24
N LYS A 167 8.03 0.28 -18.44
CA LYS A 167 8.82 0.86 -19.51
C LYS A 167 9.26 2.31 -19.30
N GLU A 168 8.39 3.10 -18.68
CA GLU A 168 8.58 4.53 -18.54
C GLU A 168 9.01 4.81 -17.10
N GLY A 169 10.27 5.23 -16.93
CA GLY A 169 10.86 5.43 -15.62
C GLY A 169 10.31 6.62 -14.85
N GLY A 170 9.88 7.66 -15.56
CA GLY A 170 9.48 8.89 -14.91
C GLY A 170 9.54 10.06 -15.87
N GLU A 171 9.25 11.24 -15.36
CA GLU A 171 9.25 12.47 -16.14
C GLU A 171 9.52 13.64 -15.24
N VAL A 172 10.34 14.58 -15.72
CA VAL A 172 10.33 15.93 -15.18
C VAL A 172 9.66 16.82 -16.22
N LEU A 173 8.53 17.42 -15.87
CA LEU A 173 7.82 18.30 -16.80
C LEU A 173 8.16 19.74 -16.48
N PHE A 174 8.94 20.35 -17.35
CA PHE A 174 9.32 21.75 -17.17
C PHE A 174 8.24 22.69 -17.69
N GLY A 175 7.67 23.52 -16.81
CA GLY A 175 6.67 24.49 -17.24
C GLY A 175 5.25 23.98 -17.26
N GLY A 176 4.97 22.92 -16.51
CA GLY A 176 3.61 22.44 -16.44
C GLY A 176 3.36 21.44 -15.32
N ILE A 177 2.08 21.15 -15.12
CA ILE A 177 1.60 20.12 -14.17
C ILE A 177 0.67 19.23 -14.97
N ASP A 178 0.96 17.92 -15.03
CA ASP A 178 0.19 17.00 -15.88
C ASP A 178 -0.78 16.24 -14.98
N HIS A 179 -2.08 16.55 -15.10
CA HIS A 179 -3.10 15.85 -14.32
C HIS A 179 -3.24 14.39 -14.77
N ASP A 180 -2.65 13.97 -15.91
CA ASP A 180 -2.64 12.57 -16.23
C ASP A 180 -1.63 11.79 -15.39
N HIS A 181 -0.82 12.47 -14.57
CA HIS A 181 0.02 11.78 -13.60
C HIS A 181 -0.48 11.82 -12.17
N TYR A 182 -1.67 12.34 -11.92
CA TYR A 182 -2.17 12.33 -10.55
C TYR A 182 -3.68 12.22 -10.47
N LYS A 183 -4.16 11.78 -9.32
CA LYS A 183 -5.61 11.72 -9.07
C LYS A 183 -5.93 12.55 -7.84
N GLY A 184 -7.17 12.98 -7.76
CA GLY A 184 -7.63 13.86 -6.69
C GLY A 184 -7.16 15.29 -6.92
N SER A 185 -6.82 15.96 -5.82
CA SER A 185 -6.44 17.37 -5.79
CA SER A 185 -6.43 17.36 -5.82
C SER A 185 -5.05 17.50 -5.18
N ILE A 186 -4.32 18.49 -5.64
CA ILE A 186 -3.01 18.80 -5.10
C ILE A 186 -3.15 19.45 -3.74
N THR A 187 -2.33 18.98 -2.80
CA THR A 187 -2.08 19.69 -1.52
C THR A 187 -0.79 20.47 -1.56
N TYR A 188 -0.86 21.78 -1.31
CA TYR A 188 0.32 22.63 -1.32
C TYR A 188 0.81 22.88 0.09
N VAL A 189 2.12 23.04 0.22
CA VAL A 189 2.81 23.43 1.45
C VAL A 189 3.78 24.57 1.07
N PRO A 190 3.80 25.66 1.82
CA PRO A 190 4.73 26.74 1.44
C PRO A 190 6.17 26.39 1.75
N VAL A 191 7.09 26.78 0.88
CA VAL A 191 8.52 26.65 1.22
C VAL A 191 8.81 27.55 2.43
N THR A 192 9.67 27.06 3.29
CA THR A 192 10.20 27.81 4.43
C THR A 192 11.52 28.45 3.99
N ALA A 193 12.64 27.82 4.29
CA ALA A 193 13.97 28.32 3.92
C ALA A 193 14.23 27.97 2.45
N LYS A 194 14.43 29.00 1.63
CA LYS A 194 14.66 28.83 0.19
C LYS A 194 16.11 28.43 -0.09
N GLY A 195 16.33 27.13 -0.33
CA GLY A 195 17.68 26.60 -0.59
C GLY A 195 17.45 25.23 -1.18
N TYR A 196 17.25 24.25 -0.30
CA TYR A 196 16.49 23.09 -0.67
C TYR A 196 15.03 23.50 -0.88
N TRP A 197 14.26 22.59 -1.43
CA TRP A 197 12.80 22.70 -1.46
C TRP A 197 12.26 22.24 -0.11
N GLN A 198 12.33 23.15 0.87
CA GLN A 198 12.15 22.84 2.28
C GLN A 198 10.82 23.37 2.79
N PHE A 199 10.20 22.63 3.69
CA PHE A 199 8.87 22.97 4.23
C PHE A 199 8.64 22.30 5.57
N HIS A 200 7.56 22.70 6.21
CA HIS A 200 7.15 22.16 7.51
C HIS A 200 6.25 20.94 7.36
N VAL A 201 6.56 19.91 8.16
CA VAL A 201 5.75 18.69 8.29
C VAL A 201 5.10 18.66 9.68
N ASP A 202 3.85 18.23 9.73
CA ASP A 202 3.07 18.22 10.98
C ASP A 202 3.34 17.01 11.85
N GLY A 203 3.59 15.85 11.25
CA GLY A 203 3.88 14.63 12.02
C GLY A 203 4.22 13.46 11.14
N VAL A 204 4.74 12.41 11.77
CA VAL A 204 5.10 11.16 11.10
C VAL A 204 4.62 10.07 12.04
N LYS A 205 3.94 9.05 11.53
CA LYS A 205 3.44 8.00 12.43
C LYS A 205 3.35 6.67 11.75
N SER A 206 3.31 5.61 12.56
CA SER A 206 3.00 4.28 12.09
C SER A 206 2.09 3.65 13.10
N VAL A 207 1.01 3.03 12.65
CA VAL A 207 -0.01 2.46 13.52
C VAL A 207 -0.20 1.02 13.07
N SER A 208 0.37 0.09 13.82
CA SER A 208 0.27 -1.31 13.45
C SER A 208 -0.97 -1.95 14.04
N ALA A 209 -1.59 -2.85 13.28
CA ALA A 209 -2.64 -3.73 13.80
C ALA A 209 -2.13 -4.79 14.78
N SER A 210 -0.84 -5.11 14.74
CA SER A 210 -0.27 -6.14 15.63
C SER A 210 0.39 -5.60 16.91
N LYS A 211 0.50 -4.27 17.03
CA LYS A 211 1.18 -3.61 18.17
C LYS A 211 0.11 -2.89 19.03
N SER A 212 0.26 -2.97 20.37
CA SER A 212 -0.66 -2.22 21.25
C SER A 212 -0.57 -0.70 21.07
N ALA A 213 0.65 -0.20 20.84
CA ALA A 213 0.91 1.26 20.71
C ALA A 213 1.20 1.65 19.26
N PRO A 214 0.80 2.87 18.87
CA PRO A 214 1.33 3.43 17.65
C PRO A 214 2.77 3.89 17.87
N GLU A 215 3.41 4.39 16.81
CA GLU A 215 4.73 4.99 16.88
C GLU A 215 4.57 6.40 16.33
N LEU A 216 4.68 7.40 17.20
CA LEU A 216 4.44 8.81 16.86
C LEU A 216 5.76 9.57 16.87
N LEU A 217 6.18 10.04 15.71
CA LEU A 217 7.43 10.71 15.51
C LEU A 217 7.16 12.12 14.97
N CYS A 218 8.21 12.91 14.81
CA CYS A 218 8.03 14.32 14.45
C CYS A 218 6.89 14.89 15.31
N LYS A 219 6.92 14.55 16.61
CA LYS A 219 5.74 14.73 17.44
C LYS A 219 5.29 16.18 17.52
N ASP A 220 6.26 17.08 17.61
CA ASP A 220 5.94 18.51 17.73
C ASP A 220 6.13 19.28 16.44
N GLY A 221 6.03 18.59 15.30
CA GLY A 221 6.31 19.16 13.99
C GLY A 221 7.78 19.10 13.66
N CYS A 222 8.10 19.20 12.38
CA CYS A 222 9.48 19.07 11.93
C CYS A 222 9.62 19.69 10.56
N GLU A 223 10.86 19.75 10.07
CA GLU A 223 11.19 20.33 8.75
CA GLU A 223 11.13 20.30 8.76
C GLU A 223 11.55 19.16 7.83
N ALA A 224 11.30 19.32 6.53
CA ALA A 224 11.61 18.32 5.52
C ALA A 224 11.96 19.01 4.21
N ILE A 225 12.56 18.25 3.30
CA ILE A 225 12.78 18.69 1.90
C ILE A 225 12.25 17.64 0.95
N ALA A 226 11.90 18.06 -0.25
CA ALA A 226 11.54 17.13 -1.33
C ALA A 226 12.75 17.01 -2.25
N ASP A 227 13.37 15.84 -2.28
CA ASP A 227 14.66 15.65 -2.98
C ASP A 227 14.63 14.46 -3.93
N THR A 228 14.45 14.77 -5.21
CA THR A 228 14.46 13.74 -6.25
C THR A 228 15.78 12.97 -6.38
N GLY A 229 16.87 13.54 -5.88
CA GLY A 229 18.18 12.92 -5.95
C GLY A 229 18.53 12.08 -4.73
N THR A 230 17.57 11.88 -3.82
CA THR A 230 17.75 10.96 -2.70
C THR A 230 16.87 9.74 -2.96
N SER A 231 17.42 8.53 -2.76
CA SER A 231 16.66 7.32 -3.05
C SER A 231 15.55 7.04 -2.02
N LEU A 232 15.92 7.17 -0.76
CA LEU A 232 15.07 6.74 0.35
C LEU A 232 14.42 7.95 1.04
N ILE A 233 13.94 7.75 2.25
CA ILE A 233 13.56 8.84 3.14
C ILE A 233 14.63 8.87 4.20
N THR A 234 15.19 10.03 4.46
CA THR A 234 16.15 10.20 5.57
C THR A 234 15.47 10.97 6.65
N GLY A 235 15.92 10.76 7.87
CA GLY A 235 15.46 11.53 9.01
C GLY A 235 16.47 11.66 10.12
N PRO A 236 16.13 12.45 11.14
CA PRO A 236 16.98 12.53 12.33
C PRO A 236 17.26 11.12 12.85
N PRO A 237 18.53 10.76 13.08
CA PRO A 237 18.85 9.37 13.46
C PRO A 237 18.09 8.81 14.65
N GLU A 238 17.88 9.62 15.67
CA GLU A 238 17.16 9.14 16.85
C GLU A 238 15.75 8.67 16.50
N GLU A 239 15.05 9.42 15.66
CA GLU A 239 13.70 9.10 15.26
C GLU A 239 13.65 7.94 14.27
N VAL A 240 14.57 7.92 13.31
CA VAL A 240 14.64 6.82 12.37
C VAL A 240 15.05 5.51 13.06
N ASP A 241 15.95 5.60 14.04
CA ASP A 241 16.24 4.41 14.87
C ASP A 241 14.95 3.82 15.49
N SER A 242 14.15 4.68 16.11
CA SER A 242 12.90 4.26 16.73
CA SER A 242 12.87 4.31 16.73
C SER A 242 11.86 3.75 15.73
N LEU A 243 11.73 4.43 14.60
CA LEU A 243 10.82 3.96 13.57
C LEU A 243 11.22 2.56 13.11
N ASN A 244 12.49 2.38 12.81
CA ASN A 244 12.96 1.05 12.43
C ASN A 244 12.79 0.00 13.51
N GLN A 245 12.96 0.37 14.78
CA GLN A 245 12.67 -0.56 15.88
C GLN A 245 11.21 -1.02 15.85
N TYR A 246 10.29 -0.08 15.64
CA TYR A 246 8.85 -0.42 15.54
C TYR A 246 8.59 -1.36 14.37
N LEU A 247 9.30 -1.14 13.25
CA LEU A 247 9.11 -1.96 12.04
C LEU A 247 9.82 -3.30 12.04
N GLY A 248 10.73 -3.49 12.99
CA GLY A 248 11.56 -4.70 13.02
C GLY A 248 12.81 -4.62 12.14
N GLY A 249 13.22 -3.40 11.79
CA GLY A 249 14.47 -3.17 11.09
C GLY A 249 15.68 -3.25 11.98
N THR A 250 16.73 -3.90 11.49
CA THR A 250 17.98 -4.04 12.25
C THR A 250 19.18 -3.71 11.39
N LYS A 251 20.23 -3.32 12.09
CA LYS A 251 21.43 -2.78 11.47
C LYS A 251 22.61 -3.13 12.35
N THR A 252 23.58 -3.80 11.77
CA THR A 252 24.89 -3.95 12.43
C THR A 252 26.06 -3.58 11.50
N GLU A 253 25.75 -2.93 10.38
CA GLU A 253 26.74 -2.55 9.35
C GLU A 253 26.07 -1.68 8.29
N GLY A 254 26.85 -0.86 7.60
CA GLY A 254 26.32 -0.04 6.51
C GLY A 254 25.49 1.12 6.99
N GLY A 255 24.71 1.70 6.08
CA GLY A 255 23.94 2.91 6.36
C GLY A 255 22.44 2.75 6.46
N GLN A 256 21.97 1.51 6.21
CA GLN A 256 20.56 1.19 6.19
C GLN A 256 20.16 0.02 7.10
N TYR A 257 18.95 0.17 7.58
CA TYR A 257 18.29 -0.88 8.28
C TYR A 257 17.76 -1.94 7.32
N LEU A 258 17.79 -3.19 7.75
CA LEU A 258 17.30 -4.33 6.94
C LEU A 258 16.08 -4.95 7.59
N LEU A 259 15.21 -5.46 6.73
CA LEU A 259 13.94 -6.07 7.14
C LEU A 259 13.97 -7.53 6.70
N ASP A 260 13.36 -8.39 7.50
CA ASP A 260 13.23 -9.79 7.07
C ASP A 260 12.36 -9.90 5.81
N CYS A 261 12.92 -10.40 4.70
CA CYS A 261 12.21 -10.46 3.44
C CYS A 261 10.99 -11.37 3.46
N ASP A 262 10.93 -12.29 4.43
CA ASP A 262 9.77 -13.17 4.60
C ASP A 262 8.64 -12.60 5.45
N LYS A 263 8.83 -11.41 6.04
CA LYS A 263 7.89 -10.84 6.98
C LYS A 263 7.32 -9.48 6.51
N LEU A 264 7.52 -9.15 5.24
CA LEU A 264 7.17 -7.82 4.73
C LEU A 264 5.65 -7.57 4.75
N GLU A 265 4.87 -8.61 4.57
CA GLU A 265 3.42 -8.43 4.48
C GLU A 265 2.76 -8.04 5.80
N SER A 266 3.45 -8.25 6.92
CA SER A 266 2.96 -7.83 8.22
C SER A 266 3.33 -6.40 8.60
N LEU A 267 4.13 -5.72 7.77
CA LEU A 267 4.60 -4.37 8.10
C LEU A 267 3.50 -3.33 7.98
N PRO A 268 3.41 -2.41 8.94
CA PRO A 268 2.41 -1.35 8.88
C PRO A 268 2.73 -0.21 7.94
N ASN A 269 1.71 0.52 7.52
CA ASN A 269 1.91 1.76 6.79
C ASN A 269 2.65 2.78 7.67
N VAL A 270 3.36 3.69 7.02
CA VAL A 270 3.98 4.86 7.66
C VAL A 270 3.41 6.12 6.99
N THR A 271 2.99 7.08 7.80
CA THR A 271 2.22 8.23 7.30
C THR A 271 2.88 9.55 7.66
N PHE A 272 3.00 10.45 6.67
CA PHE A 272 3.50 11.82 6.83
C PHE A 272 2.32 12.76 6.70
N THR A 273 2.15 13.63 7.69
CA THR A 273 1.06 14.60 7.67
C THR A 273 1.65 15.94 7.24
N ILE A 274 1.12 16.49 6.15
CA ILE A 274 1.64 17.71 5.54
C ILE A 274 0.45 18.57 5.19
N SER A 275 0.47 19.82 5.65
CA SER A 275 -0.69 20.72 5.49
C SER A 275 -2.00 20.10 5.98
N GLY A 276 -1.91 19.32 7.06
CA GLY A 276 -3.06 18.69 7.66
C GLY A 276 -3.59 17.44 7.00
N LYS A 277 -3.00 17.04 5.87
CA LYS A 277 -3.44 15.87 5.13
C LYS A 277 -2.44 14.73 5.33
N GLU A 278 -2.97 13.52 5.38
CA GLU A 278 -2.14 12.32 5.53
C GLU A 278 -1.64 11.81 4.19
N PHE A 279 -0.35 11.53 4.14
CA PHE A 279 0.30 10.92 2.99
C PHE A 279 0.91 9.59 3.48
N SER A 280 0.20 8.52 3.15
CA SER A 280 0.51 7.16 3.63
C SER A 280 1.47 6.45 2.67
N LEU A 281 2.38 5.67 3.25
CA LEU A 281 3.27 4.80 2.52
C LEU A 281 3.03 3.37 3.01
N ARG A 282 2.69 2.47 2.09
CA ARG A 282 2.62 1.04 2.39
C ARG A 282 4.00 0.46 2.40
N SER A 283 4.16 -0.73 2.98
CA SER A 283 5.46 -1.39 2.92
C SER A 283 5.89 -1.62 1.47
N LYS A 284 4.90 -1.78 0.57
CA LYS A 284 5.23 -1.89 -0.86
C LYS A 284 5.94 -0.65 -1.37
N ASP A 285 5.58 0.52 -0.81
CA ASP A 285 6.19 1.80 -1.16
C ASP A 285 7.58 1.98 -0.51
N TYR A 286 7.74 1.54 0.75
CA TYR A 286 8.95 1.92 1.49
C TYR A 286 10.04 0.86 1.64
N VAL A 287 9.80 -0.36 1.20
CA VAL A 287 10.84 -1.40 1.21
C VAL A 287 11.50 -1.45 -0.15
N LEU A 288 12.82 -1.32 -0.15
CA LEU A 288 13.61 -1.35 -1.38
C LEU A 288 14.34 -2.68 -1.49
N LYS A 289 14.18 -3.36 -2.63
CA LYS A 289 14.99 -4.54 -2.95
CA LYS A 289 14.99 -4.53 -2.92
C LYS A 289 16.37 -4.10 -3.40
N VAL A 290 17.40 -4.63 -2.76
CA VAL A 290 18.80 -4.32 -3.06
C VAL A 290 19.54 -5.66 -3.11
N ASN A 291 20.46 -5.79 -4.07
CA ASN A 291 21.37 -6.91 -4.13
C ASN A 291 22.76 -6.45 -3.84
N GLN A 292 23.39 -7.07 -2.84
CA GLN A 292 24.73 -6.72 -2.42
C GLN A 292 25.49 -7.97 -2.05
N GLN A 293 26.76 -8.04 -2.46
CA GLN A 293 27.66 -9.13 -2.05
C GLN A 293 27.06 -10.51 -2.29
N GLY A 294 26.32 -10.64 -3.39
CA GLY A 294 25.71 -11.89 -3.80
C GLY A 294 24.38 -12.27 -3.17
N GLN A 295 23.79 -11.36 -2.38
CA GLN A 295 22.54 -11.65 -1.65
C GLN A 295 21.43 -10.63 -1.99
N THR A 296 20.19 -11.10 -1.91
CA THR A 296 18.99 -10.26 -2.02
C THR A 296 18.66 -9.77 -0.61
N LEU A 297 18.56 -8.45 -0.44
CA LEU A 297 18.18 -7.83 0.83
C LEU A 297 16.89 -7.05 0.67
N CYS A 298 16.21 -6.85 1.79
CA CYS A 298 15.05 -5.98 1.86
C CYS A 298 15.42 -4.82 2.76
N VAL A 299 15.64 -3.66 2.14
CA VAL A 299 16.16 -2.50 2.83
C VAL A 299 14.99 -1.61 3.29
N SER A 300 15.03 -1.19 4.54
CA SER A 300 14.08 -0.24 5.02
C SER A 300 14.30 1.11 4.34
N GLY A 301 13.25 1.68 3.82
CA GLY A 301 13.34 2.98 3.17
C GLY A 301 13.42 4.17 4.10
N PHE A 302 13.66 3.94 5.38
CA PHE A 302 13.89 5.02 6.34
C PHE A 302 15.29 4.88 6.90
N MET A 303 16.16 5.84 6.59
CA MET A 303 17.54 5.85 6.98
C MET A 303 17.90 7.12 7.76
N GLY A 304 18.85 7.02 8.67
CA GLY A 304 19.25 8.17 9.48
C GLY A 304 20.27 9.05 8.79
N LEU A 305 20.08 10.37 8.89
CA LEU A 305 21.03 11.34 8.36
C LEU A 305 20.95 12.62 9.18
N GLU A 306 22.05 12.95 9.85
CA GLU A 306 22.11 14.15 10.64
C GLU A 306 22.38 15.33 9.72
N MET A 307 21.44 16.26 9.66
CA MET A 307 21.60 17.48 8.88
C MET A 307 21.97 18.62 9.84
N PRO A 308 22.47 19.75 9.32
CA PRO A 308 22.87 20.88 10.18
C PRO A 308 21.78 21.40 11.11
N GLN A 309 20.58 21.58 10.53
CA GLN A 309 19.39 21.66 11.34
C GLN A 309 18.58 20.42 10.95
N PRO A 310 18.06 19.69 11.96
CA PRO A 310 17.40 18.41 11.74
C PRO A 310 16.27 18.54 10.74
N LEU A 311 16.27 17.63 9.78
CA LEU A 311 15.15 17.56 8.86
C LEU A 311 15.08 16.20 8.23
N TRP A 312 13.93 15.96 7.63
CA TRP A 312 13.66 14.73 6.90
C TRP A 312 13.85 15.02 5.42
N ILE A 313 14.55 14.14 4.73
CA ILE A 313 14.62 14.24 3.27
C ILE A 313 13.61 13.24 2.69
N LEU A 314 12.61 13.76 2.00
CA LEU A 314 11.63 12.95 1.30
C LEU A 314 12.15 12.70 -0.12
N GLY A 315 12.78 11.55 -0.29
CA GLY A 315 13.35 11.12 -1.56
C GLY A 315 12.38 10.26 -2.34
N ASP A 316 12.92 9.45 -3.25
CA ASP A 316 12.13 8.76 -4.27
C ASP A 316 11.09 7.81 -3.65
N VAL A 317 11.37 7.26 -2.48
CA VAL A 317 10.35 6.44 -1.78
C VAL A 317 9.03 7.18 -1.61
N PHE A 318 9.10 8.49 -1.31
CA PHE A 318 7.92 9.36 -1.16
C PHE A 318 7.46 9.96 -2.48
N LEU A 319 8.41 10.39 -3.29
CA LEU A 319 8.10 11.18 -4.49
C LEU A 319 7.61 10.31 -5.64
N GLY A 320 7.70 9.00 -5.51
CA GLY A 320 7.04 8.08 -6.44
C GLY A 320 5.54 7.99 -6.25
N PRO A 321 5.08 7.62 -5.04
CA PRO A 321 3.61 7.52 -4.84
C PRO A 321 2.90 8.87 -4.82
N TYR A 322 3.66 9.95 -4.62
CA TYR A 322 3.11 11.31 -4.63
C TYR A 322 3.78 12.15 -5.71
N TYR A 323 3.03 12.40 -6.78
CA TYR A 323 3.41 13.34 -7.83
C TYR A 323 3.66 14.71 -7.19
N THR A 324 4.76 15.38 -7.60
CA THR A 324 5.22 16.52 -6.87
C THR A 324 5.40 17.69 -7.81
N ILE A 325 4.88 18.82 -7.40
CA ILE A 325 4.93 20.09 -8.12
C ILE A 325 5.87 21.02 -7.36
N PHE A 326 6.90 21.51 -8.06
CA PHE A 326 7.90 22.43 -7.52
C PHE A 326 7.61 23.80 -8.17
N ASP A 327 7.06 24.73 -7.38
CA ASP A 327 6.49 25.97 -7.90
C ASP A 327 7.34 27.17 -7.48
N ARG A 328 8.03 27.76 -8.45
CA ARG A 328 8.89 28.92 -8.19
C ARG A 328 8.12 30.22 -8.30
N ASP A 329 6.91 30.22 -8.87
CA ASP A 329 6.11 31.46 -8.89
C ASP A 329 5.60 31.81 -7.49
N GLN A 330 5.25 30.79 -6.72
CA GLN A 330 4.68 31.01 -5.38
C GLN A 330 5.53 30.42 -4.25
N ASP A 331 6.70 29.86 -4.56
CA ASP A 331 7.59 29.23 -3.58
C ASP A 331 6.81 28.22 -2.70
N ARG A 332 6.28 27.23 -3.37
CA ARG A 332 5.50 26.19 -2.68
C ARG A 332 5.74 24.85 -3.39
N VAL A 333 5.44 23.80 -2.64
CA VAL A 333 5.54 22.41 -3.10
C VAL A 333 4.15 21.82 -3.04
N GLY A 334 3.78 21.10 -4.10
CA GLY A 334 2.47 20.46 -4.18
C GLY A 334 2.66 18.93 -4.21
N PHE A 335 1.75 18.20 -3.56
CA PHE A 335 1.77 16.73 -3.57
C PHE A 335 0.37 16.23 -3.94
N ALA A 336 0.33 15.21 -4.79
CA ALA A 336 -0.94 14.51 -5.07
C ALA A 336 -0.67 13.02 -5.29
N GLU A 337 -1.66 12.20 -5.00
CA GLU A 337 -1.57 10.77 -5.24
C GLU A 337 -1.27 10.51 -6.71
N VAL A 338 -0.28 9.69 -6.98
CA VAL A 338 0.13 9.40 -8.35
C VAL A 338 -0.97 8.61 -9.08
N ALA A 339 -1.04 8.75 -10.41
CA ALA A 339 -2.03 8.00 -11.20
C ALA A 339 -1.43 6.76 -11.79
N GLU B 3 -0.29 -20.66 -12.26
CA GLU B 3 -0.67 -19.25 -11.90
C GLU B 3 -2.16 -18.98 -11.67
N GLY B 4 -2.97 -20.03 -11.68
CA GLY B 4 -4.39 -19.90 -11.43
C GLY B 4 -5.18 -19.48 -12.66
N PRO B 5 -6.44 -19.05 -12.46
CA PRO B 5 -6.97 -18.85 -11.13
C PRO B 5 -7.43 -20.17 -10.57
N TYR B 6 -7.79 -20.17 -9.30
CA TYR B 6 -8.29 -21.36 -8.65
C TYR B 6 -9.70 -21.08 -8.13
N PRO B 7 -10.74 -21.54 -8.82
CA PRO B 7 -12.09 -21.32 -8.31
C PRO B 7 -12.47 -22.30 -7.19
N GLU B 8 -12.66 -21.78 -5.99
CA GLU B 8 -13.11 -22.57 -4.85
C GLU B 8 -14.62 -22.52 -4.74
N PRO B 9 -15.32 -23.65 -4.95
CA PRO B 9 -16.76 -23.63 -4.80
C PRO B 9 -17.19 -23.64 -3.34
N LEU B 10 -18.19 -22.85 -3.01
CA LEU B 10 -18.79 -22.80 -1.67
C LEU B 10 -20.20 -23.31 -1.71
N VAL B 11 -20.62 -23.91 -0.61
CA VAL B 11 -22.02 -24.25 -0.40
C VAL B 11 -22.59 -23.27 0.64
N ASN B 12 -23.90 -23.10 0.60
CA ASN B 12 -24.58 -22.12 1.40
C ASN B 12 -25.45 -22.81 2.45
N LEU B 13 -25.02 -22.74 3.69
CA LEU B 13 -25.79 -23.24 4.83
C LEU B 13 -26.77 -22.18 5.34
N LEU B 14 -28.02 -22.28 4.88
CA LEU B 14 -29.13 -21.46 5.42
C LEU B 14 -28.86 -19.96 5.41
N ASP B 15 -28.03 -19.48 4.48
CA ASP B 15 -27.70 -18.05 4.37
C ASP B 15 -26.89 -17.51 5.54
N VAL B 16 -26.37 -18.38 6.41
CA VAL B 16 -25.59 -17.91 7.57
C VAL B 16 -24.13 -18.34 7.54
N VAL B 17 -23.79 -19.40 6.81
CA VAL B 17 -22.41 -19.86 6.71
C VAL B 17 -22.17 -20.37 5.31
N TYR B 18 -21.01 -20.06 4.78
CA TYR B 18 -20.56 -20.58 3.49
C TYR B 18 -19.28 -21.35 3.74
N TYR B 19 -19.15 -22.50 3.11
CA TYR B 19 -17.94 -23.32 3.33
C TYR B 19 -17.63 -24.10 2.09
N GLY B 20 -16.39 -24.57 1.97
CA GLY B 20 -16.02 -25.41 0.82
C GLY B 20 -14.88 -26.36 1.11
N PRO B 21 -14.52 -27.17 0.10
CA PRO B 21 -13.55 -28.26 0.27
C PRO B 21 -12.10 -27.77 0.20
N ILE B 22 -11.25 -28.39 1.01
CA ILE B 22 -9.80 -28.30 0.89
C ILE B 22 -9.27 -29.69 1.15
N SER B 23 -8.00 -29.91 0.78
CA SER B 23 -7.32 -31.08 1.25
C SER B 23 -5.99 -30.73 1.85
N ILE B 24 -5.52 -31.64 2.72
CA ILE B 24 -4.24 -31.47 3.39
C ILE B 24 -3.47 -32.78 3.24
N GLY B 25 -2.16 -32.66 2.97
CA GLY B 25 -1.28 -33.82 3.10
C GLY B 25 -1.20 -34.70 1.89
N THR B 26 -0.36 -35.72 2.03
CA THR B 26 -0.03 -36.62 0.93
C THR B 26 -0.11 -38.07 1.41
N PRO B 27 -1.05 -38.86 0.89
CA PRO B 27 -2.07 -38.47 -0.08
C PRO B 27 -3.09 -37.51 0.55
N PRO B 28 -3.94 -36.89 -0.29
CA PRO B 28 -4.88 -35.91 0.26
C PRO B 28 -5.87 -36.45 1.29
N GLN B 29 -6.00 -35.70 2.39
CA GLN B 29 -7.07 -35.85 3.35
C GLN B 29 -8.04 -34.71 3.14
N ASP B 30 -9.33 -35.02 3.03
CA ASP B 30 -10.31 -34.00 2.63
C ASP B 30 -11.04 -33.42 3.84
N PHE B 31 -11.36 -32.12 3.75
CA PHE B 31 -12.06 -31.36 4.79
C PHE B 31 -12.99 -30.35 4.14
N GLN B 32 -13.86 -29.81 4.99
CA GLN B 32 -14.68 -28.68 4.64
C GLN B 32 -14.37 -27.54 5.58
N VAL B 33 -14.19 -26.34 5.03
CA VAL B 33 -13.82 -25.20 5.85
C VAL B 33 -14.56 -23.93 5.44
N ILE B 34 -14.79 -23.05 6.43
CA ILE B 34 -15.25 -21.69 6.14
C ILE B 34 -14.07 -20.87 5.59
N PHE B 35 -14.28 -20.12 4.51
CA PHE B 35 -13.27 -19.19 4.02
C PHE B 35 -13.61 -17.84 4.64
N ASP B 36 -12.78 -17.43 5.61
CA ASP B 36 -13.13 -16.37 6.56
C ASP B 36 -12.21 -15.17 6.39
N THR B 37 -12.69 -14.10 5.78
CA THR B 37 -11.85 -12.92 5.67
C THR B 37 -11.69 -12.12 6.98
N GLY B 38 -12.38 -12.55 8.05
CA GLY B 38 -12.20 -11.93 9.38
C GLY B 38 -11.23 -12.64 10.31
N SER B 39 -10.45 -13.58 9.81
CA SER B 39 -9.40 -14.24 10.62
C SER B 39 -8.27 -14.63 9.67
N ALA B 40 -7.12 -15.04 10.23
CA ALA B 40 -5.95 -15.29 9.39
C ALA B 40 -5.34 -16.69 9.54
N ASN B 41 -5.93 -17.54 10.34
CA ASN B 41 -5.40 -18.87 10.64
C ASN B 41 -6.19 -19.97 9.97
N LEU B 42 -5.51 -21.06 9.64
CA LEU B 42 -6.14 -22.32 9.19
C LEU B 42 -6.09 -23.33 10.32
N TRP B 43 -7.22 -23.95 10.64
CA TRP B 43 -7.22 -25.06 11.59
C TRP B 43 -8.23 -26.11 11.20
N LEU B 44 -7.96 -27.33 11.66
CA LEU B 44 -8.80 -28.50 11.45
C LEU B 44 -8.77 -29.36 12.70
N PRO B 45 -9.76 -30.25 12.88
CA PRO B 45 -9.71 -31.18 14.02
C PRO B 45 -8.55 -32.13 13.90
N SER B 46 -7.89 -32.41 15.02
CA SER B 46 -6.75 -33.34 15.03
C SER B 46 -7.16 -34.80 15.22
N SER B 47 -6.48 -35.72 14.53
CA SER B 47 -6.58 -37.15 14.89
C SER B 47 -6.15 -37.47 16.33
N LYS B 48 -5.39 -36.56 16.95
CA LYS B 48 -5.03 -36.66 18.37
C LYS B 48 -6.22 -36.44 19.34
N CYS B 49 -7.33 -35.95 18.79
CA CYS B 49 -8.51 -35.61 19.57
C CYS B 49 -9.57 -36.70 19.40
N THR B 50 -10.17 -37.13 20.52
CA THR B 50 -11.18 -38.21 20.50
C THR B 50 -12.47 -37.80 21.21
N THR B 51 -12.72 -36.49 21.27
CA THR B 51 -14.01 -35.99 21.74
C THR B 51 -15.08 -36.37 20.72
N LYS B 52 -16.35 -36.34 21.12
CA LYS B 52 -17.41 -36.65 20.12
C LYS B 52 -17.44 -35.65 18.97
N TYR B 53 -17.06 -34.41 19.28
CA TYR B 53 -16.86 -33.40 18.22
C TYR B 53 -15.85 -33.91 17.18
N CYS B 54 -14.67 -34.29 17.67
CA CYS B 54 -13.65 -34.74 16.74
C CYS B 54 -14.01 -36.01 16.00
N LEU B 55 -14.62 -36.98 16.69
CA LEU B 55 -14.98 -38.24 16.04
C LEU B 55 -16.13 -38.14 15.04
N HIS B 56 -16.86 -37.02 15.06
CA HIS B 56 -17.92 -36.78 14.07
C HIS B 56 -17.59 -35.66 13.10
N HIS B 57 -16.30 -35.30 13.03
CA HIS B 57 -15.79 -34.43 11.98
C HIS B 57 -14.61 -35.09 11.30
N HIS B 58 -14.15 -34.51 10.21
CA HIS B 58 -12.98 -35.04 9.50
C HIS B 58 -11.75 -34.57 10.28
N ARG B 59 -10.83 -35.50 10.56
CA ARG B 59 -9.67 -35.25 11.40
C ARG B 59 -8.39 -35.36 10.60
N TYR B 60 -7.50 -34.39 10.74
CA TYR B 60 -6.17 -34.44 10.13
C TYR B 60 -5.24 -35.40 10.87
N ASP B 61 -4.65 -36.33 10.15
CA ASP B 61 -3.74 -37.33 10.73
C ASP B 61 -2.38 -37.18 10.13
N SER B 62 -1.49 -36.54 10.88
CA SER B 62 -0.14 -36.30 10.47
C SER B 62 0.60 -37.58 10.10
N SER B 63 0.29 -38.66 10.82
CA SER B 63 1.02 -39.92 10.67
C SER B 63 0.74 -40.57 9.32
N LYS B 64 -0.33 -40.15 8.65
CA LYS B 64 -0.69 -40.72 7.34
C LYS B 64 -0.26 -39.84 6.16
N SER B 65 0.45 -38.76 6.46
CA SER B 65 0.90 -37.82 5.44
C SER B 65 2.41 -37.81 5.28
N SER B 66 2.91 -38.15 4.10
CA SER B 66 4.34 -38.16 3.85
C SER B 66 4.99 -36.77 3.76
N THR B 67 4.18 -35.71 3.61
CA THR B 67 4.67 -34.34 3.55
C THR B 67 4.46 -33.58 4.84
N TYR B 68 3.86 -34.22 5.84
CA TYR B 68 3.75 -33.60 7.17
C TYR B 68 5.13 -33.26 7.72
N GLU B 69 5.22 -32.10 8.35
CA GLU B 69 6.39 -31.67 9.13
C GLU B 69 5.91 -31.13 10.45
N ALA B 70 6.59 -31.55 11.54
CA ALA B 70 6.21 -31.09 12.88
C ALA B 70 6.49 -29.59 13.09
N ASP B 71 5.74 -29.01 13.99
CA ASP B 71 6.00 -27.66 14.50
C ASP B 71 5.82 -27.72 16.01
N GLY B 72 4.59 -27.80 16.48
CA GLY B 72 4.31 -28.07 17.86
C GLY B 72 4.07 -26.86 18.73
N ARG B 73 4.14 -25.65 18.18
CA ARG B 73 3.72 -24.50 18.97
C ARG B 73 2.23 -24.59 19.26
N ASN B 74 1.85 -24.33 20.51
CA ASN B 74 0.43 -24.33 20.84
C ASN B 74 -0.23 -23.06 20.28
N PHE B 75 -1.53 -23.15 19.99
CA PHE B 75 -2.26 -22.01 19.46
C PHE B 75 -3.62 -21.95 20.13
N THR B 76 -4.14 -20.73 20.24
CA THR B 76 -5.47 -20.53 20.76
C THR B 76 -6.10 -19.33 20.03
N ILE B 77 -7.34 -19.50 19.59
CA ILE B 77 -8.07 -18.45 18.86
C ILE B 77 -9.46 -18.33 19.47
N VAL B 78 -9.91 -17.07 19.61
CA VAL B 78 -11.26 -16.78 20.05
C VAL B 78 -11.96 -16.01 18.93
N TYR B 79 -13.11 -16.54 18.55
CA TYR B 79 -13.96 -15.91 17.54
C TYR B 79 -15.18 -15.35 18.24
N GLY B 80 -15.96 -14.56 17.51
CA GLY B 80 -17.24 -14.11 18.05
C GLY B 80 -18.17 -15.26 18.39
N SER B 81 -18.08 -16.40 17.72
CA SER B 81 -19.02 -17.51 17.90
C SER B 81 -18.38 -18.82 18.38
N GLY B 82 -17.15 -18.74 18.86
CA GLY B 82 -16.51 -19.97 19.35
C GLY B 82 -15.06 -19.76 19.68
N ASN B 83 -14.39 -20.87 20.00
CA ASN B 83 -12.99 -20.83 20.38
C ASN B 83 -12.33 -22.14 20.00
N VAL B 84 -11.00 -22.11 19.80
CA VAL B 84 -10.24 -23.28 19.33
CA VAL B 84 -10.27 -23.31 19.42
C VAL B 84 -8.86 -23.23 19.97
N GLU B 85 -8.37 -24.38 20.42
CA GLU B 85 -6.99 -24.47 20.86
C GLU B 85 -6.42 -25.83 20.44
N GLY B 86 -5.11 -25.84 20.27
CA GLY B 86 -4.38 -27.02 19.85
C GLY B 86 -2.92 -26.68 19.57
N PHE B 87 -2.34 -27.36 18.59
CA PHE B 87 -0.91 -27.16 18.26
C PHE B 87 -0.74 -27.05 16.74
N ILE B 88 0.34 -26.41 16.33
CA ILE B 88 0.60 -26.18 14.91
C ILE B 88 1.36 -27.36 14.28
N SER B 89 0.99 -27.69 13.06
CA SER B 89 1.75 -28.60 12.19
C SER B 89 1.88 -27.95 10.83
N LYS B 90 2.65 -28.58 9.93
CA LYS B 90 2.88 -28.02 8.59
C LYS B 90 2.71 -29.12 7.55
N ASP B 91 1.99 -28.81 6.48
CA ASP B 91 1.77 -29.79 5.40
C ASP B 91 1.35 -29.08 4.15
N VAL B 92 1.22 -29.84 3.06
CA VAL B 92 0.65 -29.33 1.80
CA VAL B 92 0.67 -29.27 1.83
C VAL B 92 -0.84 -29.05 1.98
N CYS B 93 -1.29 -27.88 1.54
CA CYS B 93 -2.71 -27.51 1.50
C CYS B 93 -3.14 -27.36 0.04
N ARG B 94 -4.25 -28.00 -0.34
CA ARG B 94 -4.77 -27.90 -1.73
C ARG B 94 -6.13 -27.25 -1.77
N ILE B 95 -6.24 -26.29 -2.69
CA ILE B 95 -7.46 -25.57 -3.01
C ILE B 95 -7.56 -25.66 -4.51
N GLY B 96 -8.57 -26.35 -5.01
CA GLY B 96 -8.62 -26.66 -6.44
C GLY B 96 -7.34 -27.35 -6.88
N SER B 97 -6.75 -26.87 -7.98
CA SER B 97 -5.48 -27.42 -8.46
C SER B 97 -4.25 -26.79 -7.86
N ALA B 98 -4.41 -25.85 -6.93
CA ALA B 98 -3.29 -25.19 -6.25
C ALA B 98 -2.70 -26.12 -5.20
N LYS B 99 -1.38 -26.21 -5.17
CA LYS B 99 -0.67 -27.02 -4.20
C LYS B 99 0.19 -26.06 -3.40
N VAL B 100 -0.27 -25.74 -2.19
CA VAL B 100 0.39 -24.77 -1.34
C VAL B 100 1.31 -25.54 -0.38
N SER B 101 2.61 -25.53 -0.66
CA SER B 101 3.57 -26.28 0.13
C SER B 101 3.83 -25.61 1.47
N GLY B 102 4.23 -26.41 2.45
CA GLY B 102 4.71 -25.86 3.70
C GLY B 102 3.72 -24.95 4.41
N GLN B 103 2.46 -25.36 4.43
CA GLN B 103 1.39 -24.55 5.03
C GLN B 103 1.21 -24.87 6.51
N PRO B 104 1.43 -23.88 7.41
CA PRO B 104 1.08 -24.16 8.80
C PRO B 104 -0.43 -24.25 8.99
N LEU B 105 -0.84 -25.22 9.78
CA LEU B 105 -2.23 -25.41 10.15
C LEU B 105 -2.30 -25.73 11.63
N GLY B 106 -3.39 -25.33 12.24
CA GLY B 106 -3.68 -25.75 13.61
C GLY B 106 -4.36 -27.10 13.66
N GLU B 107 -3.81 -28.01 14.47
CA GLU B 107 -4.45 -29.25 14.82
C GLU B 107 -5.26 -28.98 16.10
N ALA B 108 -6.58 -28.92 15.99
CA ALA B 108 -7.45 -28.53 17.11
C ALA B 108 -7.66 -29.72 18.04
N LEU B 109 -7.53 -29.45 19.34
CA LEU B 109 -7.83 -30.44 20.39
C LEU B 109 -9.09 -30.08 21.19
N VAL B 110 -9.32 -28.80 21.38
CA VAL B 110 -10.48 -28.32 22.17
C VAL B 110 -11.17 -27.24 21.35
N VAL B 111 -12.46 -27.44 21.14
CA VAL B 111 -13.30 -26.52 20.40
C VAL B 111 -14.48 -26.15 21.32
N GLY B 112 -14.83 -24.87 21.34
CA GLY B 112 -16.02 -24.40 22.08
C GLY B 112 -16.93 -23.62 21.16
N GLY B 113 -18.23 -23.66 21.43
CA GLY B 113 -19.24 -22.90 20.67
C GLY B 113 -20.07 -23.80 19.81
N GLU B 114 -21.40 -23.82 20.03
CA GLU B 114 -22.29 -24.69 19.25
C GLU B 114 -22.16 -24.48 17.75
N SER B 115 -21.91 -23.23 17.34
CA SER B 115 -21.73 -22.91 15.94
C SER B 115 -20.59 -23.66 15.27
N LEU B 116 -19.56 -24.00 16.06
CA LEU B 116 -18.47 -24.84 15.59
C LEU B 116 -18.70 -26.32 15.91
N LEU B 117 -19.15 -26.61 17.14
CA LEU B 117 -19.29 -27.99 17.60
C LEU B 117 -20.29 -28.81 16.82
N GLU B 118 -21.39 -28.17 16.39
CA GLU B 118 -22.47 -28.84 15.66
C GLU B 118 -22.42 -28.63 14.16
N ALA B 119 -21.32 -28.06 13.68
CA ALA B 119 -21.20 -27.59 12.30
C ALA B 119 -21.02 -28.72 11.31
N PRO B 120 -21.47 -28.51 10.08
CA PRO B 120 -21.17 -29.48 9.03
C PRO B 120 -19.73 -29.38 8.53
N PHE B 121 -19.11 -28.22 8.74
CA PHE B 121 -17.72 -27.99 8.35
C PHE B 121 -16.78 -28.41 9.49
N ASP B 122 -15.52 -28.58 9.13
CA ASP B 122 -14.47 -29.09 10.04
C ASP B 122 -13.59 -28.00 10.63
N GLY B 123 -13.46 -26.87 9.94
CA GLY B 123 -12.56 -25.83 10.40
C GLY B 123 -12.72 -24.54 9.66
N ILE B 124 -11.73 -23.68 9.85
CA ILE B 124 -11.75 -22.35 9.29
C ILE B 124 -10.42 -22.12 8.57
N LEU B 125 -10.51 -21.48 7.41
CA LEU B 125 -9.36 -21.04 6.63
C LEU B 125 -9.42 -19.50 6.54
N GLY B 126 -8.56 -18.86 7.31
CA GLY B 126 -8.56 -17.40 7.41
C GLY B 126 -7.90 -16.74 6.22
N LEU B 127 -8.53 -15.66 5.73
CA LEU B 127 -8.09 -14.89 4.57
C LEU B 127 -7.74 -13.45 4.88
N ALA B 128 -7.61 -13.12 6.16
CA ALA B 128 -7.23 -11.77 6.56
C ALA B 128 -5.72 -11.56 6.46
N TYR B 129 -5.26 -10.36 6.81
CA TYR B 129 -3.83 -10.04 6.76
C TYR B 129 -3.02 -10.80 7.82
N PRO B 130 -1.72 -11.03 7.53
CA PRO B 130 -0.87 -11.81 8.42
C PRO B 130 -0.59 -11.14 9.75
N SER B 131 -0.72 -9.82 9.83
CA SER B 131 -0.56 -9.11 11.08
C SER B 131 -1.42 -9.67 12.23
N ILE B 132 -2.58 -10.26 11.94
CA ILE B 132 -3.47 -10.78 12.97
C ILE B 132 -3.45 -12.32 13.08
N ALA B 133 -2.54 -12.97 12.37
CA ALA B 133 -2.40 -14.43 12.50
C ALA B 133 -1.86 -14.81 13.88
N VAL B 134 -2.63 -15.65 14.58
CA VAL B 134 -2.20 -16.22 15.86
C VAL B 134 -0.94 -17.05 15.62
N ASP B 135 0.07 -16.80 16.47
CA ASP B 135 1.41 -17.43 16.43
C ASP B 135 2.27 -16.94 15.27
N GLY B 136 1.77 -15.96 14.52
CA GLY B 136 2.52 -15.39 13.42
C GLY B 136 2.75 -16.33 12.25
N VAL B 137 1.96 -17.40 12.17
CA VAL B 137 2.14 -18.37 11.09
C VAL B 137 1.55 -17.84 9.80
N VAL B 138 2.18 -18.19 8.67
CA VAL B 138 1.83 -17.61 7.38
C VAL B 138 0.42 -18.05 6.97
N PRO B 139 -0.46 -17.09 6.70
CA PRO B 139 -1.79 -17.48 6.18
C PRO B 139 -1.71 -18.13 4.81
N VAL B 140 -2.73 -18.92 4.49
CA VAL B 140 -2.74 -19.62 3.23
C VAL B 140 -2.54 -18.70 2.03
N PHE B 141 -3.29 -17.60 1.95
CA PHE B 141 -3.19 -16.75 0.77
C PHE B 141 -1.81 -16.09 0.67
N ASP B 142 -1.25 -15.72 1.81
CA ASP B 142 0.12 -15.19 1.83
C ASP B 142 1.12 -16.22 1.35
N ASN B 143 0.89 -17.46 1.70
CA ASN B 143 1.78 -18.54 1.30
C ASN B 143 1.65 -18.75 -0.20
N MET B 144 0.43 -18.67 -0.71
CA MET B 144 0.19 -18.70 -2.17
C MET B 144 0.94 -17.58 -2.89
N MET B 145 0.89 -16.37 -2.36
CA MET B 145 1.59 -15.21 -2.93
CA MET B 145 1.59 -15.24 -2.97
C MET B 145 3.10 -15.46 -2.95
N LYS B 146 3.63 -15.93 -1.83
CA LYS B 146 5.07 -16.17 -1.68
C LYS B 146 5.52 -17.20 -2.74
N GLN B 147 4.70 -18.22 -2.97
CA GLN B 147 5.01 -19.27 -3.93
C GLN B 147 4.68 -18.90 -5.39
N GLY B 148 4.17 -17.68 -5.60
CA GLY B 148 3.87 -17.17 -6.94
C GLY B 148 2.70 -17.84 -7.61
N LEU B 149 1.83 -18.46 -6.81
CA LEU B 149 0.73 -19.26 -7.37
C LEU B 149 -0.40 -18.49 -8.04
N LEU B 150 -0.47 -17.18 -7.83
CA LEU B 150 -1.47 -16.35 -8.46
C LEU B 150 -0.88 -15.59 -9.63
N GLY B 151 0.36 -15.94 -10.03
CA GLY B 151 1.03 -15.12 -11.04
C GLY B 151 1.18 -13.71 -10.57
N GLU B 152 0.70 -12.75 -11.37
CA GLU B 152 0.81 -11.34 -11.02
C GLU B 152 -0.51 -10.75 -10.52
N GLN B 153 -1.49 -11.61 -10.23
CA GLN B 153 -2.83 -11.17 -9.86
C GLN B 153 -3.10 -11.64 -8.42
N ASN B 154 -2.52 -10.93 -7.44
CA ASN B 154 -2.64 -11.34 -6.02
C ASN B 154 -3.89 -10.77 -5.38
N VAL B 155 -5.03 -11.26 -5.87
CA VAL B 155 -6.34 -10.89 -5.36
C VAL B 155 -7.14 -12.17 -5.21
N PHE B 156 -8.20 -12.12 -4.39
CA PHE B 156 -9.24 -13.13 -4.46
C PHE B 156 -10.59 -12.43 -4.47
N SER B 157 -11.56 -13.00 -5.16
CA SER B 157 -12.87 -12.41 -5.32
C SER B 157 -13.96 -13.35 -4.85
N VAL B 158 -14.92 -12.82 -4.09
CA VAL B 158 -15.91 -13.65 -3.41
C VAL B 158 -17.32 -13.37 -3.89
N TYR B 159 -17.97 -14.42 -4.41
CA TYR B 159 -19.39 -14.46 -4.73
C TYR B 159 -20.12 -15.25 -3.69
N LEU B 160 -21.16 -14.69 -3.05
CA LEU B 160 -22.03 -15.42 -2.12
C LEU B 160 -23.45 -15.39 -2.66
N ASN B 161 -24.01 -16.54 -2.92
CA ASN B 161 -25.41 -16.61 -3.34
C ASN B 161 -26.30 -16.48 -2.12
N ARG B 162 -27.25 -15.54 -2.14
CA ARG B 162 -28.16 -15.37 -1.03
C ARG B 162 -29.46 -16.18 -1.14
N ASP B 163 -29.50 -17.07 -2.12
CA ASP B 163 -30.59 -18.04 -2.23
C ASP B 163 -30.04 -19.43 -1.94
N PRO B 164 -30.34 -20.02 -0.78
CA PRO B 164 -29.80 -21.35 -0.45
C PRO B 164 -30.38 -22.46 -1.34
N SER B 165 -31.49 -22.17 -2.02
CA SER B 165 -32.15 -23.16 -2.88
C SER B 165 -31.60 -23.27 -4.30
N SER B 166 -30.41 -22.71 -4.50
CA SER B 166 -29.71 -22.70 -5.76
C SER B 166 -28.55 -23.69 -5.63
N LYS B 167 -28.18 -24.29 -6.76
CA LYS B 167 -27.07 -25.23 -6.78
C LYS B 167 -25.69 -24.61 -6.55
N GLU B 168 -25.47 -23.34 -6.93
CA GLU B 168 -24.17 -22.68 -6.68
C GLU B 168 -24.28 -21.81 -5.41
N GLY B 169 -23.62 -22.23 -4.33
CA GLY B 169 -23.65 -21.49 -3.08
C GLY B 169 -22.81 -20.23 -3.09
N GLY B 170 -21.71 -20.27 -3.83
CA GLY B 170 -20.77 -19.13 -3.88
C GLY B 170 -19.43 -19.61 -4.37
N GLU B 171 -18.46 -18.70 -4.39
CA GLU B 171 -17.14 -19.00 -4.89
C GLU B 171 -16.14 -18.07 -4.25
N VAL B 172 -14.96 -18.61 -3.93
CA VAL B 172 -13.79 -17.77 -3.68
C VAL B 172 -12.85 -18.01 -4.84
N LEU B 173 -12.65 -17.00 -5.66
CA LEU B 173 -11.78 -17.13 -6.84
C LEU B 173 -10.38 -16.66 -6.48
N PHE B 174 -9.46 -17.61 -6.27
CA PHE B 174 -8.10 -17.26 -5.91
C PHE B 174 -7.30 -16.87 -7.13
N GLY B 175 -6.85 -15.61 -7.17
CA GLY B 175 -6.03 -15.13 -8.28
C GLY B 175 -6.83 -14.63 -9.47
N GLY B 176 -8.08 -14.23 -9.24
CA GLY B 176 -8.93 -13.74 -10.30
C GLY B 176 -10.11 -12.91 -9.86
N ILE B 177 -10.66 -12.17 -10.82
CA ILE B 177 -11.91 -11.43 -10.70
C ILE B 177 -12.81 -11.92 -11.85
N ASP B 178 -14.02 -12.38 -11.55
CA ASP B 178 -14.91 -12.95 -12.56
C ASP B 178 -16.03 -11.98 -12.87
N HIS B 179 -15.99 -11.36 -14.03
CA HIS B 179 -17.01 -10.40 -14.43
C HIS B 179 -18.38 -11.05 -14.65
N ASP B 180 -18.45 -12.38 -14.77
CA ASP B 180 -19.75 -13.04 -14.79
C ASP B 180 -20.43 -13.10 -13.42
N HIS B 181 -19.75 -12.63 -12.35
CA HIS B 181 -20.41 -12.46 -11.07
C HIS B 181 -20.72 -11.02 -10.71
N TYR B 182 -20.54 -10.05 -11.61
CA TYR B 182 -20.94 -8.67 -11.32
C TYR B 182 -21.36 -7.87 -12.54
N LYS B 183 -22.13 -6.84 -12.27
CA LYS B 183 -22.57 -5.89 -13.28
C LYS B 183 -21.91 -4.55 -13.05
N GLY B 184 -21.76 -3.81 -14.13
CA GLY B 184 -21.23 -2.44 -14.07
C GLY B 184 -19.73 -2.46 -13.87
N SER B 185 -19.24 -1.51 -13.09
CA SER B 185 -17.82 -1.33 -12.80
C SER B 185 -17.59 -1.45 -11.30
N ILE B 186 -16.44 -1.98 -10.93
CA ILE B 186 -16.03 -2.10 -9.54
C ILE B 186 -15.70 -0.75 -8.95
N THR B 187 -16.17 -0.49 -7.73
CA THR B 187 -15.75 0.64 -6.89
C THR B 187 -14.78 0.15 -5.84
N TYR B 188 -13.57 0.69 -5.87
CA TYR B 188 -12.54 0.35 -4.90
C TYR B 188 -12.50 1.36 -3.75
N VAL B 189 -12.08 0.85 -2.60
CA VAL B 189 -11.86 1.61 -1.38
C VAL B 189 -10.50 1.14 -0.81
N PRO B 190 -9.61 2.07 -0.40
CA PRO B 190 -8.35 1.66 0.20
C PRO B 190 -8.49 1.04 1.58
N VAL B 191 -7.67 0.03 1.87
CA VAL B 191 -7.60 -0.53 3.20
C VAL B 191 -6.98 0.55 4.13
N THR B 192 -7.56 0.71 5.31
CA THR B 192 -7.11 1.71 6.32
C THR B 192 -6.26 1.21 7.46
N ALA B 193 -6.43 -0.05 7.83
CA ALA B 193 -5.73 -0.74 8.93
C ALA B 193 -5.59 -2.20 8.48
N LYS B 194 -4.38 -2.61 8.17
CA LYS B 194 -4.11 -3.91 7.57
C LYS B 194 -4.07 -4.98 8.65
N GLY B 195 -5.22 -5.63 8.84
CA GLY B 195 -5.41 -6.67 9.86
C GLY B 195 -6.63 -7.44 9.42
N TYR B 196 -7.80 -6.95 9.81
CA TYR B 196 -9.01 -7.24 9.04
C TYR B 196 -8.88 -6.52 7.68
N TRP B 197 -9.80 -6.85 6.78
CA TRP B 197 -9.96 -6.09 5.54
C TRP B 197 -10.82 -4.85 5.85
N GLN B 198 -10.16 -3.85 6.41
CA GLN B 198 -10.78 -2.71 7.05
C GLN B 198 -10.63 -1.50 6.14
N PHE B 199 -11.66 -0.67 6.10
CA PHE B 199 -11.72 0.51 5.22
C PHE B 199 -12.67 1.53 5.81
N HIS B 200 -12.67 2.71 5.21
CA HIS B 200 -13.52 3.83 5.64
C HIS B 200 -14.85 3.84 4.92
N VAL B 201 -15.91 4.07 5.68
CA VAL B 201 -17.28 4.24 5.19
C VAL B 201 -17.69 5.70 5.39
N ASP B 202 -18.37 6.28 4.41
CA ASP B 202 -18.72 7.70 4.46
C ASP B 202 -19.98 7.96 5.28
N GLY B 203 -20.92 7.03 5.25
CA GLY B 203 -22.18 7.19 5.98
C GLY B 203 -23.08 5.99 5.82
N VAL B 204 -24.08 5.95 6.66
CA VAL B 204 -25.12 4.95 6.67
C VAL B 204 -26.45 5.64 6.87
N LYS B 205 -27.44 5.26 6.09
CA LYS B 205 -28.75 5.90 6.21
C LYS B 205 -29.90 5.04 5.80
N SER B 206 -31.08 5.47 6.22
CA SER B 206 -32.33 4.87 5.74
C SER B 206 -33.34 5.99 5.68
N VAL B 207 -34.13 6.01 4.62
CA VAL B 207 -35.05 7.12 4.36
C VAL B 207 -36.46 6.56 4.25
N SER B 208 -37.23 6.72 5.32
CA SER B 208 -38.62 6.25 5.28
C SER B 208 -39.43 7.08 4.31
N ALA B 209 -40.34 6.41 3.60
CA ALA B 209 -41.31 7.08 2.72
C ALA B 209 -42.42 7.76 3.47
N SER B 210 -42.57 7.45 4.75
CA SER B 210 -43.68 7.97 5.57
C SER B 210 -43.27 8.82 6.77
N LYS B 211 -42.17 8.48 7.45
CA LYS B 211 -41.73 9.28 8.60
C LYS B 211 -41.15 10.63 8.15
N SER B 212 -41.33 11.63 9.02
CA SER B 212 -40.82 12.95 8.74
C SER B 212 -39.30 12.99 8.49
N ALA B 213 -38.53 12.34 9.36
CA ALA B 213 -37.06 12.41 9.34
C ALA B 213 -36.44 11.11 8.82
N PRO B 214 -35.27 11.23 8.16
CA PRO B 214 -34.47 10.07 7.83
C PRO B 214 -33.72 9.58 9.08
N GLU B 215 -33.17 8.38 8.95
CA GLU B 215 -32.22 7.83 9.87
C GLU B 215 -30.82 8.05 9.31
N LEU B 216 -30.01 8.86 9.99
CA LEU B 216 -28.64 9.17 9.58
C LEU B 216 -27.67 8.67 10.64
N LEU B 217 -26.83 7.74 10.22
CA LEU B 217 -25.84 7.11 11.08
C LEU B 217 -24.45 7.25 10.46
N CYS B 218 -23.42 6.88 11.19
CA CYS B 218 -22.05 7.03 10.70
C CYS B 218 -21.89 8.45 10.12
N LYS B 219 -22.36 9.44 10.89
CA LYS B 219 -22.57 10.77 10.32
C LYS B 219 -21.28 11.48 9.94
N ASP B 220 -20.22 11.22 10.71
CA ASP B 220 -18.90 11.78 10.43
C ASP B 220 -17.97 10.80 9.75
N GLY B 221 -18.52 9.73 9.19
CA GLY B 221 -17.73 8.63 8.63
C GLY B 221 -17.39 7.66 9.74
N CYS B 222 -16.97 6.47 9.34
CA CYS B 222 -16.79 5.37 10.26
C CYS B 222 -15.91 4.32 9.61
N GLU B 223 -15.51 3.33 10.40
CA GLU B 223 -14.68 2.22 9.90
C GLU B 223 -15.51 0.97 9.78
N ALA B 224 -15.19 0.15 8.77
CA ALA B 224 -15.85 -1.12 8.55
C ALA B 224 -14.87 -2.16 8.08
N ILE B 225 -15.26 -3.42 8.21
CA ILE B 225 -14.54 -4.51 7.58
C ILE B 225 -15.44 -5.34 6.69
N ALA B 226 -14.85 -6.01 5.71
CA ALA B 226 -15.57 -6.95 4.85
C ALA B 226 -15.24 -8.35 5.38
N ASP B 227 -16.23 -9.02 5.95
CA ASP B 227 -16.02 -10.31 6.64
C ASP B 227 -16.96 -11.38 6.13
N THR B 228 -16.41 -12.25 5.30
CA THR B 228 -17.17 -13.37 4.75
C THR B 228 -17.64 -14.34 5.81
N GLY B 229 -16.96 -14.38 6.96
CA GLY B 229 -17.32 -15.31 8.00
C GLY B 229 -18.22 -14.70 9.08
N THR B 230 -18.84 -13.55 8.80
CA THR B 230 -19.91 -13.03 9.65
C THR B 230 -21.19 -13.11 8.85
N SER B 231 -22.26 -13.63 9.44
CA SER B 231 -23.52 -13.78 8.72
C SER B 231 -24.23 -12.46 8.39
N LEU B 232 -24.35 -11.61 9.40
CA LEU B 232 -25.14 -10.39 9.32
C LEU B 232 -24.26 -9.17 9.08
N ILE B 233 -24.81 -7.98 9.28
CA ILE B 233 -24.06 -6.76 9.39
C ILE B 233 -24.08 -6.44 10.86
N THR B 234 -22.90 -6.24 11.43
CA THR B 234 -22.80 -5.81 12.82
C THR B 234 -22.37 -4.36 12.86
N GLY B 235 -22.67 -3.68 13.97
CA GLY B 235 -22.20 -2.33 14.10
C GLY B 235 -22.21 -1.89 15.55
N PRO B 236 -21.71 -0.66 15.79
CA PRO B 236 -21.75 -0.08 17.14
C PRO B 236 -23.13 -0.22 17.76
N PRO B 237 -23.21 -0.80 18.98
CA PRO B 237 -24.53 -1.12 19.50
C PRO B 237 -25.53 0.06 19.51
N GLU B 238 -25.07 1.26 19.84
CA GLU B 238 -26.00 2.42 19.87
C GLU B 238 -26.56 2.74 18.50
N GLU B 239 -25.70 2.69 17.47
CA GLU B 239 -26.13 3.01 16.11
C GLU B 239 -27.04 1.92 15.57
N VAL B 240 -26.71 0.65 15.84
CA VAL B 240 -27.58 -0.44 15.39
C VAL B 240 -28.92 -0.43 16.11
N ASP B 241 -28.91 -0.05 17.39
CA ASP B 241 -30.17 0.07 18.12
C ASP B 241 -31.04 1.15 17.49
N SER B 242 -30.46 2.27 17.16
CA SER B 242 -31.16 3.38 16.49
C SER B 242 -31.72 2.91 15.15
N LEU B 243 -30.90 2.27 14.34
CA LEU B 243 -31.39 1.74 13.06
C LEU B 243 -32.57 0.81 13.21
N ASN B 244 -32.42 -0.15 14.11
CA ASN B 244 -33.52 -1.11 14.35
C ASN B 244 -34.77 -0.44 14.88
N GLN B 245 -34.65 0.60 15.70
CA GLN B 245 -35.85 1.34 16.11
C GLN B 245 -36.54 1.97 14.93
N TYR B 246 -35.76 2.51 14.01
CA TYR B 246 -36.31 3.10 12.79
C TYR B 246 -37.07 2.08 11.95
N LEU B 247 -36.52 0.85 11.90
CA LEU B 247 -37.11 -0.22 11.11
C LEU B 247 -38.24 -0.94 11.81
N GLY B 248 -38.44 -0.68 13.11
CA GLY B 248 -39.45 -1.37 13.90
C GLY B 248 -38.99 -2.71 14.46
N GLY B 249 -37.69 -2.93 14.53
CA GLY B 249 -37.14 -4.15 15.15
C GLY B 249 -37.18 -4.07 16.66
N THR B 250 -37.34 -5.24 17.28
CA THR B 250 -37.38 -5.33 18.73
CA THR B 250 -37.43 -5.37 18.75
C THR B 250 -36.26 -6.22 19.24
N LYS B 251 -35.51 -5.69 20.20
CA LYS B 251 -34.29 -6.32 20.65
C LYS B 251 -34.56 -7.66 21.34
N THR B 252 -33.74 -8.65 21.00
CA THR B 252 -33.76 -9.97 21.62
C THR B 252 -32.35 -10.22 22.17
N GLU B 253 -31.91 -11.48 22.16
CA GLU B 253 -30.61 -11.84 22.72
C GLU B 253 -29.48 -11.70 21.71
N GLY B 254 -28.27 -11.55 22.24
CA GLY B 254 -27.05 -11.57 21.44
C GLY B 254 -26.80 -10.39 20.53
N GLY B 255 -27.47 -9.27 20.80
CA GLY B 255 -27.40 -8.09 19.95
C GLY B 255 -28.33 -8.11 18.73
N GLN B 256 -29.18 -9.14 18.64
CA GLN B 256 -30.09 -9.32 17.48
C GLN B 256 -31.46 -8.69 17.76
N TYR B 257 -32.19 -8.41 16.67
CA TYR B 257 -33.50 -7.77 16.70
C TYR B 257 -34.45 -8.56 15.82
N LEU B 258 -35.71 -8.67 16.23
CA LEU B 258 -36.74 -9.34 15.44
C LEU B 258 -37.62 -8.31 14.75
N LEU B 259 -38.07 -8.68 13.55
CA LEU B 259 -38.97 -7.84 12.78
C LEU B 259 -40.25 -8.62 12.59
N ASP B 260 -41.41 -7.96 12.60
CA ASP B 260 -42.60 -8.77 12.35
CA ASP B 260 -42.68 -8.62 12.31
C ASP B 260 -42.72 -9.12 10.86
N CYS B 261 -42.86 -10.43 10.67
CA CYS B 261 -42.81 -11.02 9.34
C CYS B 261 -43.96 -10.57 8.46
N ASP B 262 -45.03 -10.06 9.07
CA ASP B 262 -46.18 -9.54 8.32
C ASP B 262 -46.00 -8.11 7.83
N LYS B 263 -44.93 -7.43 8.24
CA LYS B 263 -44.70 -6.02 7.90
C LYS B 263 -43.41 -5.78 7.11
N LEU B 264 -42.86 -6.84 6.54
CA LEU B 264 -41.59 -6.71 5.83
C LEU B 264 -41.67 -5.84 4.59
N GLU B 265 -42.81 -5.87 3.92
CA GLU B 265 -42.89 -5.13 2.63
C GLU B 265 -42.83 -3.61 2.74
N SER B 266 -43.13 -3.08 3.93
CA SER B 266 -43.05 -1.64 4.17
C SER B 266 -41.67 -1.18 4.62
N LEU B 267 -40.73 -2.10 4.80
CA LEU B 267 -39.42 -1.72 5.32
C LEU B 267 -38.62 -0.91 4.27
N PRO B 268 -38.01 0.19 4.68
CA PRO B 268 -37.21 0.98 3.74
C PRO B 268 -35.82 0.42 3.48
N ASN B 269 -35.25 0.81 2.36
CA ASN B 269 -33.88 0.46 2.07
C ASN B 269 -32.92 1.04 3.09
N VAL B 270 -31.80 0.36 3.27
CA VAL B 270 -30.70 0.87 4.12
C VAL B 270 -29.48 1.01 3.20
N THR B 271 -28.76 2.13 3.32
CA THR B 271 -27.73 2.50 2.35
C THR B 271 -26.39 2.81 3.03
N PHE B 272 -25.35 2.17 2.52
CA PHE B 272 -23.98 2.40 2.92
C PHE B 272 -23.27 3.18 1.82
N THR B 273 -22.67 4.31 2.16
CA THR B 273 -21.93 5.10 1.19
C THR B 273 -20.44 4.81 1.37
N ILE B 274 -19.82 4.34 0.29
CA ILE B 274 -18.44 3.91 0.31
C ILE B 274 -17.79 4.52 -0.94
N SER B 275 -16.68 5.21 -0.74
CA SER B 275 -15.97 5.90 -1.85
C SER B 275 -16.94 6.82 -2.61
N GLY B 276 -17.85 7.46 -1.87
CA GLY B 276 -18.84 8.37 -2.43
C GLY B 276 -20.00 7.74 -3.18
N LYS B 277 -20.04 6.40 -3.24
CA LYS B 277 -21.09 5.70 -3.97
C LYS B 277 -22.04 5.04 -2.98
N GLU B 278 -23.34 5.09 -3.29
CA GLU B 278 -24.35 4.47 -2.44
C GLU B 278 -24.50 3.00 -2.80
N PHE B 279 -24.42 2.17 -1.77
CA PHE B 279 -24.66 0.71 -1.81
C PHE B 279 -25.89 0.41 -0.99
N SER B 280 -27.01 0.20 -1.67
CA SER B 280 -28.34 0.05 -1.08
CA SER B 280 -28.28 0.04 -1.00
C SER B 280 -28.64 -1.42 -0.79
N LEU B 281 -29.34 -1.65 0.31
CA LEU B 281 -29.86 -2.95 0.70
C LEU B 281 -31.35 -2.84 0.82
N ARG B 282 -32.05 -3.64 0.04
CA ARG B 282 -33.48 -3.76 0.19
C ARG B 282 -33.80 -4.67 1.37
N SER B 283 -35.02 -4.64 1.87
CA SER B 283 -35.41 -5.58 2.94
C SER B 283 -35.21 -7.02 2.49
N LYS B 284 -35.39 -7.30 1.21
CA LYS B 284 -35.10 -8.62 0.70
C LYS B 284 -33.67 -9.03 0.99
N ASP B 285 -32.74 -8.09 0.87
CA ASP B 285 -31.33 -8.33 1.19
C ASP B 285 -31.07 -8.51 2.71
N TYR B 286 -31.71 -7.68 3.54
CA TYR B 286 -31.28 -7.56 4.93
C TYR B 286 -32.13 -8.30 5.95
N VAL B 287 -33.27 -8.84 5.57
CA VAL B 287 -34.08 -9.64 6.49
C VAL B 287 -33.65 -11.10 6.39
N LEU B 288 -33.35 -11.71 7.52
CA LEU B 288 -33.05 -13.14 7.60
C LEU B 288 -34.31 -13.89 8.04
N LYS B 289 -34.87 -14.67 7.13
CA LYS B 289 -36.08 -15.45 7.40
C LYS B 289 -35.67 -16.83 7.93
N VAL B 290 -36.15 -17.17 9.12
CA VAL B 290 -35.65 -18.35 9.83
C VAL B 290 -36.78 -19.05 10.52
N ASN B 291 -36.49 -20.27 10.95
CA ASN B 291 -37.24 -20.90 12.02
C ASN B 291 -36.30 -20.95 13.22
N GLN B 292 -36.75 -20.42 14.36
CA GLN B 292 -35.99 -20.43 15.60
C GLN B 292 -36.97 -20.27 16.74
N GLN B 293 -36.58 -20.76 17.92
CA GLN B 293 -37.45 -20.76 19.10
C GLN B 293 -38.82 -21.34 18.79
N GLY B 294 -38.83 -22.37 17.94
CA GLY B 294 -40.03 -23.13 17.66
C GLY B 294 -41.00 -22.61 16.64
N GLN B 295 -40.66 -21.52 15.97
CA GLN B 295 -41.58 -20.96 14.98
C GLN B 295 -40.83 -20.18 13.90
N THR B 296 -41.59 -19.76 12.92
CA THR B 296 -41.06 -19.00 11.79
C THR B 296 -40.99 -17.52 12.20
N LEU B 297 -39.80 -16.95 12.08
CA LEU B 297 -39.50 -15.58 12.52
C LEU B 297 -38.65 -14.85 11.46
N CYS B 298 -38.54 -13.53 11.64
CA CYS B 298 -37.77 -12.68 10.76
C CYS B 298 -36.80 -11.89 11.61
N VAL B 299 -35.52 -12.07 11.33
CA VAL B 299 -34.43 -11.48 12.10
C VAL B 299 -33.88 -10.32 11.30
N SER B 300 -33.69 -9.17 11.95
CA SER B 300 -33.01 -8.07 11.32
C SER B 300 -31.55 -8.41 11.01
N GLY B 301 -31.11 -8.08 9.80
CA GLY B 301 -29.73 -8.27 9.42
C GLY B 301 -28.73 -7.33 10.03
N PHE B 302 -29.20 -6.44 10.92
CA PHE B 302 -28.33 -5.50 11.62
C PHE B 302 -28.31 -5.86 13.08
N MET B 303 -27.13 -6.21 13.60
CA MET B 303 -26.96 -6.65 14.98
C MET B 303 -25.86 -5.84 15.64
N GLY B 304 -26.03 -5.54 16.91
CA GLY B 304 -25.03 -4.81 17.65
C GLY B 304 -23.86 -5.64 18.09
N LEU B 305 -22.64 -5.10 17.96
CA LEU B 305 -21.45 -5.76 18.47
C LEU B 305 -20.39 -4.72 18.77
N GLU B 306 -20.05 -4.60 20.05
CA GLU B 306 -19.00 -3.69 20.46
C GLU B 306 -17.65 -4.27 20.11
N MET B 307 -16.88 -3.52 19.34
CA MET B 307 -15.51 -3.88 18.97
C MET B 307 -14.55 -3.00 19.79
N PRO B 308 -13.23 -3.32 19.78
CA PRO B 308 -12.30 -2.50 20.58
C PRO B 308 -12.30 -1.01 20.24
N GLN B 309 -12.33 -0.68 18.95
CA GLN B 309 -12.75 0.64 18.50
C GLN B 309 -14.02 0.43 17.67
N PRO B 310 -14.91 1.43 17.59
CA PRO B 310 -16.17 1.20 16.89
C PRO B 310 -15.98 0.79 15.41
N LEU B 311 -16.75 -0.18 14.97
CA LEU B 311 -16.50 -0.83 13.70
C LEU B 311 -17.79 -1.44 13.19
N TRP B 312 -18.06 -1.32 11.90
CA TRP B 312 -19.13 -2.08 11.28
C TRP B 312 -18.53 -3.33 10.65
N ILE B 313 -19.13 -4.50 10.88
CA ILE B 313 -18.75 -5.67 10.12
C ILE B 313 -19.75 -5.89 9.01
N LEU B 314 -19.31 -5.74 7.74
CA LEU B 314 -20.12 -6.07 6.58
C LEU B 314 -19.94 -7.55 6.28
N GLY B 315 -20.92 -8.33 6.75
CA GLY B 315 -20.88 -9.76 6.58
C GLY B 315 -21.72 -10.15 5.37
N ASP B 316 -22.23 -11.37 5.42
CA ASP B 316 -22.82 -12.03 4.24
C ASP B 316 -24.07 -11.30 3.73
N VAL B 317 -24.81 -10.65 4.63
CA VAL B 317 -25.95 -9.80 4.21
C VAL B 317 -25.52 -8.75 3.15
N PHE B 318 -24.32 -8.20 3.30
CA PHE B 318 -23.77 -7.22 2.35
C PHE B 318 -23.00 -7.85 1.20
N LEU B 319 -22.19 -8.86 1.54
CA LEU B 319 -21.26 -9.48 0.59
C LEU B 319 -21.97 -10.39 -0.40
N GLY B 320 -23.24 -10.68 -0.17
CA GLY B 320 -24.05 -11.39 -1.18
C GLY B 320 -24.46 -10.49 -2.32
N PRO B 321 -25.17 -9.39 -2.01
CA PRO B 321 -25.61 -8.54 -3.11
C PRO B 321 -24.48 -7.75 -3.80
N TYR B 322 -23.32 -7.66 -3.15
CA TYR B 322 -22.14 -6.97 -3.69
C TYR B 322 -20.96 -7.92 -3.78
N TYR B 323 -20.65 -8.37 -5.00
CA TYR B 323 -19.44 -9.12 -5.30
C TYR B 323 -18.24 -8.33 -4.79
N THR B 324 -17.30 -9.02 -4.15
CA THR B 324 -16.19 -8.35 -3.45
C THR B 324 -14.83 -8.87 -3.89
N ILE B 325 -13.93 -7.93 -4.19
CA ILE B 325 -12.55 -8.19 -4.62
C ILE B 325 -11.65 -7.76 -3.46
N PHE B 326 -10.88 -8.71 -2.96
CA PHE B 326 -9.88 -8.50 -1.92
C PHE B 326 -8.51 -8.44 -2.59
N ASP B 327 -7.91 -7.26 -2.68
CA ASP B 327 -6.74 -7.01 -3.55
C ASP B 327 -5.49 -6.72 -2.69
N ARG B 328 -4.61 -7.74 -2.60
CA ARG B 328 -3.35 -7.60 -1.87
C ARG B 328 -2.26 -6.92 -2.66
N ASP B 329 -2.38 -6.79 -3.97
CA ASP B 329 -1.39 -6.01 -4.73
C ASP B 329 -1.48 -4.53 -4.47
N GLN B 330 -2.69 -4.03 -4.25
CA GLN B 330 -2.94 -2.59 -4.05
CA GLN B 330 -2.91 -2.59 -4.04
C GLN B 330 -3.52 -2.24 -2.69
N ASP B 331 -3.72 -3.26 -1.83
CA ASP B 331 -4.35 -3.07 -0.50
C ASP B 331 -5.65 -2.28 -0.61
N ARG B 332 -6.59 -2.87 -1.34
CA ARG B 332 -7.90 -2.26 -1.56
C ARG B 332 -8.97 -3.31 -1.63
N VAL B 333 -10.20 -2.88 -1.37
CA VAL B 333 -11.38 -3.75 -1.46
C VAL B 333 -12.23 -3.17 -2.56
N GLY B 334 -12.69 -4.03 -3.46
CA GLY B 334 -13.65 -3.63 -4.50
C GLY B 334 -15.05 -4.21 -4.30
N PHE B 335 -16.07 -3.42 -4.60
CA PHE B 335 -17.46 -3.87 -4.55
C PHE B 335 -18.14 -3.57 -5.87
N ALA B 336 -18.99 -4.50 -6.30
CA ALA B 336 -19.87 -4.25 -7.45
C ALA B 336 -21.13 -5.06 -7.28
N GLU B 337 -22.23 -4.54 -7.79
CA GLU B 337 -23.50 -5.23 -7.81
C GLU B 337 -23.38 -6.63 -8.40
N VAL B 338 -23.89 -7.63 -7.69
CA VAL B 338 -23.75 -9.02 -8.12
C VAL B 338 -24.57 -9.27 -9.40
N ALA B 339 -24.14 -10.22 -10.23
CA ALA B 339 -24.86 -10.52 -11.48
C ALA B 339 -26.22 -11.20 -11.24
CA IVA C 1 21.01 4.14 -2.22
CA IVA C 1 20.57 4.82 -0.48
CB IVA C 1 20.99 3.42 -0.88
CB IVA C 1 20.95 3.57 -1.24
CG1 IVA C 1 20.53 4.37 0.20
CG1 IVA C 1 20.04 2.38 -0.91
CG2 IVA C 1 20.08 2.19 -0.91
CG2 IVA C 1 20.91 3.91 -2.72
C IVA C 1 21.88 5.38 -2.22
C IVA C 1 21.34 6.01 -1.01
O IVA C 1 23.02 5.33 -1.70
O IVA C 1 22.11 6.52 -0.18
N VAL C 2 21.20 6.48 -2.55
N VAL C 2 21.22 6.41 -2.29
CA VAL C 2 22.01 7.72 -2.77
CA VAL C 2 21.95 7.65 -2.75
C VAL C 2 21.35 8.93 -2.13
C VAL C 2 21.35 8.88 -2.04
N VAL C 3 22.19 9.86 -1.72
CA VAL C 3 21.73 11.13 -1.13
C VAL C 3 22.42 12.25 -1.93
N STA C 4 21.75 13.07 -2.72
CA STA C 4 22.29 14.13 -3.56
CB STA C 4 22.30 13.74 -5.04
CG STA C 4 23.02 12.44 -5.35
CD1 STA C 4 22.69 11.98 -6.77
CD2 STA C 4 24.52 12.50 -5.12
CH STA C 4 21.50 15.41 -3.35
OH STA C 4 20.10 15.16 -3.62
CM STA C 4 21.63 16.02 -1.95
C STA C 4 23.00 16.66 -1.68
O STA C 4 23.89 15.96 -1.19
N ALA C 5 23.10 17.90 -2.08
CA ALA C 5 24.36 18.64 -1.75
C ALA C 5 24.36 19.08 -0.28
N STA C 6 25.48 18.95 0.38
CA STA C 6 25.54 19.22 1.80
CB STA C 6 25.98 17.95 2.54
CG STA C 6 25.06 16.73 2.38
CD1 STA C 6 25.63 15.52 3.12
CD2 STA C 6 23.63 16.96 2.81
CH STA C 6 26.48 20.41 2.06
OH STA C 6 27.79 20.13 1.54
CM STA C 6 25.98 21.74 1.46
C STA C 6 26.81 22.93 1.92
O STA C 6 27.01 23.11 3.15
OXT STA C 6 27.26 23.74 1.08
CA IVA D 1 -25.80 -16.43 12.78
CB IVA D 1 -26.72 -15.44 13.47
CG1 IVA D 1 -26.07 -14.09 13.67
CG2 IVA D 1 -28.03 -15.36 12.65
C IVA D 1 -24.46 -16.54 13.53
O IVA D 1 -24.47 -16.95 14.74
N VAL D 2 -23.38 -16.29 12.75
CA VAL D 2 -22.01 -16.37 13.31
C VAL D 2 -21.24 -15.07 13.08
N VAL D 3 -20.21 -14.88 13.91
CA VAL D 3 -19.22 -13.81 13.79
C VAL D 3 -17.83 -14.47 13.89
N STA D 4 -17.09 -14.52 12.79
CA STA D 4 -15.82 -15.20 12.74
CB STA D 4 -15.94 -16.49 11.93
CG STA D 4 -16.98 -17.49 12.44
CD1 STA D 4 -17.17 -18.56 11.38
CD2 STA D 4 -16.58 -18.10 13.77
CH STA D 4 -14.76 -14.27 12.14
OH STA D 4 -15.17 -13.85 10.81
CM STA D 4 -14.44 -13.03 12.99
C STA D 4 -13.58 -13.35 14.22
O STA D 4 -14.21 -13.69 15.26
N ALA D 5 -12.28 -13.32 14.07
CA ALA D 5 -11.37 -13.53 15.22
C ALA D 5 -11.32 -12.25 16.08
N STA D 6 -11.60 -12.38 17.35
CA STA D 6 -11.73 -11.27 18.30
CB STA D 6 -13.10 -11.42 18.98
CG STA D 6 -14.22 -10.56 18.38
CD1 STA D 6 -14.26 -10.39 16.86
CD2 STA D 6 -15.58 -11.06 18.88
CH STA D 6 -10.59 -11.27 19.30
OH STA D 6 -10.53 -12.48 20.05
CM STA D 6 -9.24 -11.07 18.59
C STA D 6 -8.11 -10.82 19.57
O STA D 6 -8.36 -10.45 20.74
OXT STA D 6 -6.94 -11.00 19.15
C1 PEG E . 36.35 9.15 -2.37
O1 PEG E . 37.53 9.40 -3.14
C2 PEG E . 36.48 9.86 -1.07
O2 PEG E . 35.94 11.15 -1.12
C3 PEG E . 36.58 12.01 -2.07
C4 PEG E . 36.42 13.49 -1.73
O4 PEG E . 36.41 13.85 -0.35
C1 GOL F . -28.73 -1.61 -5.94
O1 GOL F . -27.79 -2.33 -6.79
C2 GOL F . -30.09 -2.32 -5.90
O2 GOL F . -30.81 -2.03 -4.69
C3 GOL F . -29.97 -3.83 -5.88
O3 GOL F . -29.91 -4.53 -7.13
#